data_3AY0
#
_entry.id   3AY0
#
_cell.length_a   61.490
_cell.length_b   67.127
_cell.length_c   92.239
_cell.angle_alpha   90.00
_cell.angle_beta   93.75
_cell.angle_gamma   90.00
#
_symmetry.space_group_name_H-M   'P 1 21 1'
#
loop_
_entity.id
_entity.type
_entity.pdbx_description
1 polymer 'Uncharacterized protein MJ0883'
2 non-polymer 'ZINC ION'
3 non-polymer ADENOSINE
4 water water
#
_entity_poly.entity_id   1
_entity_poly.type   'polypeptide(L)'
_entity_poly.pdbx_seq_one_letter_code
;MPLCLKINKKHGEQTRRILIENNLLNKDYKITSEGNYLYLPIKDVDEDILKSILNIEFELVDKELEEKKIIKKPSFREII
SKKYRKEIDEGLISLSYDVVGDLVILQISDEVDEKIRKEIGELAYKLIPCKGVFRRKSEVKGEFRVRELEHLAGENRTLT
IHKENGYRLWVDIAKVYFSPRLGGERARIMKKVSLNDVVVDMFAGVGPFSIACKNAKKIYAIDINPHAIELLKKNIKLNK
LEHKIIPILSDVREVDVKGNRVIMNLPKFAHKFIDKALDIVEEGGVIHYYTIGKDFDKAIKLFEKKCDCEVLEKRIVKSY
APREYILALDFKINKK
;
_entity_poly.pdbx_strand_id   A,B
#
loop_
_chem_comp.id
_chem_comp.type
_chem_comp.name
_chem_comp.formula
ADN non-polymer ADENOSINE 'C10 H13 N5 O4'
ZN non-polymer 'ZINC ION' 'Zn 2'
#
# COMPACT_ATOMS: atom_id res chain seq x y z
N PRO A 2 -16.50 -21.76 0.04
CA PRO A 2 -15.79 -21.35 -1.20
C PRO A 2 -14.60 -22.26 -1.44
N LEU A 3 -13.66 -22.28 -0.50
CA LEU A 3 -12.49 -23.15 -0.65
C LEU A 3 -12.51 -24.24 0.41
N CYS A 4 -12.85 -25.45 -0.01
CA CYS A 4 -12.92 -26.57 0.92
C CYS A 4 -11.90 -27.68 0.68
N LEU A 5 -11.58 -28.38 1.76
CA LEU A 5 -10.67 -29.50 1.68
C LEU A 5 -11.58 -30.70 1.55
N LYS A 6 -11.48 -31.41 0.44
CA LYS A 6 -12.30 -32.58 0.24
C LYS A 6 -11.47 -33.77 0.68
N ILE A 7 -12.06 -34.62 1.51
CA ILE A 7 -11.39 -35.83 2.02
C ILE A 7 -12.40 -36.96 2.24
N ASN A 8 -11.95 -38.20 2.19
CA ASN A 8 -12.84 -39.31 2.45
C ASN A 8 -13.21 -39.19 3.93
N LYS A 9 -14.49 -38.99 4.22
CA LYS A 9 -14.97 -38.81 5.59
C LYS A 9 -14.45 -39.74 6.70
N LYS A 10 -13.78 -40.84 6.34
CA LYS A 10 -13.26 -41.76 7.37
C LYS A 10 -12.16 -41.12 8.21
N HIS A 11 -11.46 -40.16 7.62
CA HIS A 11 -10.39 -39.45 8.29
C HIS A 11 -11.00 -38.13 8.72
N GLY A 12 -12.32 -38.08 8.74
CA GLY A 12 -13.04 -36.88 9.12
C GLY A 12 -12.53 -36.12 10.34
N GLU A 13 -12.70 -36.72 11.51
CA GLU A 13 -12.27 -36.11 12.77
C GLU A 13 -10.74 -36.02 12.88
N GLN A 14 -10.06 -37.11 12.57
CA GLN A 14 -8.60 -37.15 12.60
C GLN A 14 -8.08 -35.88 11.91
N THR A 15 -8.63 -35.61 10.73
CA THR A 15 -8.29 -34.47 9.89
C THR A 15 -8.80 -33.16 10.46
N ARG A 16 -10.09 -33.14 10.80
CA ARG A 16 -10.68 -31.93 11.36
C ARG A 16 -9.77 -31.35 12.45
N ARG A 17 -9.27 -32.22 13.34
CA ARG A 17 -8.42 -31.75 14.41
C ARG A 17 -7.14 -31.08 13.88
N ILE A 18 -6.44 -31.75 12.98
CA ILE A 18 -5.21 -31.20 12.41
C ILE A 18 -5.41 -29.79 11.81
N LEU A 19 -6.52 -29.58 11.12
CA LEU A 19 -6.80 -28.27 10.54
C LEU A 19 -6.87 -27.22 11.64
N ILE A 20 -7.48 -27.60 12.75
CA ILE A 20 -7.62 -26.69 13.87
C ILE A 20 -6.23 -26.39 14.47
N GLU A 21 -5.51 -27.45 14.80
CA GLU A 21 -4.17 -27.31 15.36
C GLU A 21 -3.33 -26.35 14.54
N ASN A 22 -3.64 -26.27 13.25
CA ASN A 22 -2.89 -25.40 12.35
C ASN A 22 -3.60 -24.10 12.06
N ASN A 23 -4.67 -23.85 12.81
CA ASN A 23 -5.46 -22.64 12.68
C ASN A 23 -5.81 -22.45 11.21
N LEU A 24 -6.17 -23.56 10.57
CA LEU A 24 -6.52 -23.54 9.17
C LEU A 24 -8.01 -23.58 8.95
N LEU A 25 -8.69 -24.48 9.65
CA LEU A 25 -10.12 -24.60 9.51
C LEU A 25 -10.75 -23.21 9.53
N ASN A 26 -11.79 -23.03 8.72
CA ASN A 26 -12.50 -21.77 8.64
C ASN A 26 -13.83 -22.02 9.36
N LYS A 27 -14.12 -21.26 10.41
CA LYS A 27 -15.35 -21.48 11.15
C LYS A 27 -16.60 -20.75 10.64
N ASP A 28 -16.48 -20.09 9.50
CA ASP A 28 -17.61 -19.37 8.92
C ASP A 28 -18.47 -20.20 7.98
N TYR A 29 -18.28 -21.52 8.00
CA TYR A 29 -19.05 -22.39 7.13
C TYR A 29 -19.27 -23.76 7.74
N LYS A 30 -20.44 -24.33 7.46
CA LYS A 30 -20.82 -25.63 7.97
C LYS A 30 -20.12 -26.76 7.22
N ILE A 31 -19.31 -27.53 7.93
CA ILE A 31 -18.65 -28.67 7.30
C ILE A 31 -19.78 -29.53 6.80
N THR A 32 -19.90 -29.67 5.49
CA THR A 32 -20.99 -30.47 4.97
C THR A 32 -20.50 -31.85 4.53
N SER A 33 -21.41 -32.81 4.47
CA SER A 33 -21.07 -34.17 4.06
C SER A 33 -21.80 -34.49 2.75
N GLU A 34 -21.11 -35.18 1.84
CA GLU A 34 -21.67 -35.55 0.53
C GLU A 34 -21.12 -36.94 0.12
N GLY A 35 -21.88 -38.00 0.38
CA GLY A 35 -21.42 -39.33 0.05
C GLY A 35 -20.37 -39.83 1.04
N ASN A 36 -19.19 -40.17 0.53
CA ASN A 36 -18.10 -40.64 1.37
C ASN A 36 -17.13 -39.50 1.65
N TYR A 37 -17.60 -38.27 1.49
CA TYR A 37 -16.71 -37.14 1.69
C TYR A 37 -17.13 -36.08 2.68
N LEU A 38 -16.13 -35.34 3.15
CA LEU A 38 -16.30 -34.25 4.08
C LEU A 38 -15.71 -33.04 3.41
N TYR A 39 -16.38 -31.91 3.52
CA TYR A 39 -15.87 -30.67 2.96
C TYR A 39 -15.64 -29.71 4.12
N LEU A 40 -14.39 -29.45 4.45
CA LEU A 40 -14.11 -28.56 5.56
C LEU A 40 -13.68 -27.19 5.05
N PRO A 41 -14.50 -26.16 5.28
CA PRO A 41 -14.11 -24.84 4.81
C PRO A 41 -12.73 -24.56 5.38
N ILE A 42 -11.81 -24.18 4.50
CA ILE A 42 -10.43 -23.93 4.89
C ILE A 42 -9.90 -22.57 4.43
N LYS A 43 -8.97 -22.01 5.20
CA LYS A 43 -8.33 -20.75 4.85
C LYS A 43 -7.50 -21.08 3.60
N ASP A 44 -7.09 -20.10 2.81
CA ASP A 44 -6.31 -20.40 1.61
C ASP A 44 -4.92 -20.97 1.96
N VAL A 45 -4.49 -22.02 1.26
CA VAL A 45 -3.20 -22.61 1.55
C VAL A 45 -2.56 -23.30 0.34
N ASP A 46 -1.22 -23.26 0.30
CA ASP A 46 -0.52 -23.88 -0.80
C ASP A 46 -0.63 -25.38 -0.70
N GLU A 47 -1.10 -25.99 -1.78
CA GLU A 47 -1.27 -27.42 -1.89
C GLU A 47 -0.07 -28.18 -1.31
N ASP A 48 1.12 -27.60 -1.44
CA ASP A 48 2.35 -28.22 -0.97
C ASP A 48 2.49 -28.37 0.54
N ILE A 49 2.39 -27.27 1.25
CA ILE A 49 2.53 -27.32 2.71
C ILE A 49 1.48 -28.24 3.33
N LEU A 50 0.32 -28.36 2.70
CA LEU A 50 -0.71 -29.23 3.23
C LEU A 50 -0.23 -30.67 3.19
N LYS A 51 0.57 -31.00 2.19
CA LYS A 51 1.06 -32.35 2.05
C LYS A 51 1.92 -32.71 3.25
N SER A 52 2.67 -31.75 3.76
CA SER A 52 3.54 -31.98 4.91
C SER A 52 2.82 -32.19 6.23
N ILE A 53 1.55 -31.78 6.33
CA ILE A 53 0.82 -31.99 7.59
C ILE A 53 -0.37 -32.95 7.48
N LEU A 54 -0.58 -33.53 6.30
CA LEU A 54 -1.64 -34.50 6.04
C LEU A 54 -1.03 -35.75 5.41
N ASN A 55 -1.34 -36.92 5.97
CA ASN A 55 -0.79 -38.17 5.48
C ASN A 55 -1.78 -38.86 4.58
N ILE A 56 -3.00 -38.36 4.56
CA ILE A 56 -4.03 -38.93 3.72
C ILE A 56 -4.07 -38.14 2.43
N GLU A 57 -4.88 -38.61 1.49
CA GLU A 57 -5.04 -37.94 0.21
C GLU A 57 -6.07 -36.84 0.39
N PHE A 58 -6.08 -35.87 -0.52
CA PHE A 58 -7.02 -34.75 -0.41
C PHE A 58 -7.08 -33.91 -1.67
N GLU A 59 -7.94 -32.88 -1.65
CA GLU A 59 -8.12 -31.96 -2.77
C GLU A 59 -8.63 -30.61 -2.28
N LEU A 60 -8.25 -29.55 -2.98
CA LEU A 60 -8.70 -28.21 -2.63
C LEU A 60 -9.70 -27.86 -3.72
N VAL A 61 -10.92 -27.51 -3.34
CA VAL A 61 -11.97 -27.22 -4.33
C VAL A 61 -12.85 -26.01 -4.02
N ASP A 62 -13.46 -25.43 -5.05
CA ASP A 62 -14.38 -24.33 -4.83
C ASP A 62 -15.69 -25.07 -4.59
N LYS A 63 -16.25 -24.89 -3.40
CA LYS A 63 -17.50 -25.55 -3.06
C LYS A 63 -18.43 -24.55 -2.40
N GLU A 64 -19.66 -24.49 -2.90
CA GLU A 64 -20.64 -23.58 -2.33
C GLU A 64 -20.98 -24.08 -0.92
N LEU A 65 -21.09 -23.15 0.02
CA LEU A 65 -21.45 -23.48 1.38
C LEU A 65 -22.24 -22.33 1.99
N GLU A 66 -22.98 -22.61 3.05
CA GLU A 66 -23.79 -21.60 3.72
C GLU A 66 -23.16 -21.17 5.04
N GLU A 67 -23.31 -19.88 5.38
CA GLU A 67 -22.75 -19.33 6.62
C GLU A 67 -23.23 -20.13 7.84
N LYS A 68 -22.48 -20.05 8.94
CA LYS A 68 -22.81 -20.77 10.17
C LYS A 68 -24.16 -20.33 10.73
N SER A 75 -20.15 -6.68 12.04
CA SER A 75 -19.19 -6.64 13.14
C SER A 75 -18.09 -5.62 12.85
N PHE A 76 -18.47 -4.53 12.20
CA PHE A 76 -17.50 -3.48 11.85
C PHE A 76 -16.71 -3.91 10.62
N ARG A 77 -16.15 -5.12 10.69
CA ARG A 77 -15.38 -5.67 9.57
C ARG A 77 -16.30 -5.53 8.35
N GLU A 78 -17.60 -5.64 8.59
CA GLU A 78 -18.59 -5.55 7.52
C GLU A 78 -18.70 -4.16 6.90
N ILE A 79 -19.45 -3.29 7.56
CA ILE A 79 -19.69 -1.93 7.09
C ILE A 79 -18.47 -1.30 6.43
N ILE A 80 -17.30 -1.51 7.02
CA ILE A 80 -16.07 -0.95 6.47
C ILE A 80 -15.78 -1.53 5.11
N SER A 81 -15.76 -2.86 5.05
CA SER A 81 -15.47 -3.61 3.84
C SER A 81 -16.29 -3.13 2.64
N LYS A 82 -17.61 -3.15 2.79
CA LYS A 82 -18.50 -2.72 1.72
C LYS A 82 -18.27 -1.25 1.38
N LYS A 83 -18.50 -0.38 2.36
CA LYS A 83 -18.37 1.06 2.18
C LYS A 83 -16.93 1.59 2.02
N TYR A 84 -16.00 0.71 1.66
CA TYR A 84 -14.60 1.14 1.50
C TYR A 84 -13.76 0.30 0.54
N ARG A 85 -14.40 -0.57 -0.23
CA ARG A 85 -13.65 -1.42 -1.16
C ARG A 85 -12.60 -0.59 -1.89
N LYS A 86 -12.92 0.68 -2.09
CA LYS A 86 -12.05 1.61 -2.79
C LYS A 86 -10.60 1.55 -2.29
N GLU A 87 -10.41 1.67 -0.98
CA GLU A 87 -9.07 1.63 -0.38
C GLU A 87 -8.66 0.27 0.15
N ILE A 88 -9.63 -0.54 0.54
CA ILE A 88 -9.34 -1.87 1.07
C ILE A 88 -8.73 -2.77 0.01
N ASP A 89 -9.04 -2.49 -1.26
CA ASP A 89 -8.53 -3.29 -2.36
C ASP A 89 -7.24 -2.71 -2.95
N GLU A 90 -6.38 -2.21 -2.09
CA GLU A 90 -5.10 -1.63 -2.51
C GLU A 90 -4.31 -1.19 -1.29
N GLY A 91 -4.09 -2.12 -0.36
CA GLY A 91 -3.37 -1.80 0.85
C GLY A 91 -4.13 -0.68 1.54
N LEU A 92 -3.43 0.31 2.07
CA LEU A 92 -4.07 1.45 2.74
C LEU A 92 -4.95 1.08 3.93
N ILE A 93 -5.75 0.03 3.81
CA ILE A 93 -6.62 -0.39 4.91
C ILE A 93 -6.76 -1.92 4.92
N SER A 94 -6.75 -2.51 6.11
CA SER A 94 -6.89 -3.96 6.26
C SER A 94 -8.16 -4.38 7.02
N LEU A 95 -8.72 -5.53 6.67
CA LEU A 95 -9.94 -6.01 7.36
C LEU A 95 -9.57 -6.93 8.52
N SER A 96 -8.51 -6.56 9.23
CA SER A 96 -8.02 -7.34 10.36
C SER A 96 -7.35 -6.42 11.37
N TYR A 97 -7.91 -6.38 12.58
CA TYR A 97 -7.39 -5.57 13.66
C TYR A 97 -7.07 -6.43 14.87
N ASP A 98 -6.31 -5.88 15.80
CA ASP A 98 -5.96 -6.60 17.01
C ASP A 98 -6.57 -5.88 18.20
N VAL A 99 -6.77 -6.62 19.28
CA VAL A 99 -7.30 -6.01 20.47
C VAL A 99 -6.34 -6.37 21.60
N VAL A 100 -5.70 -5.35 22.17
CA VAL A 100 -4.79 -5.54 23.27
C VAL A 100 -5.40 -4.85 24.48
N GLY A 101 -5.85 -5.66 25.43
CA GLY A 101 -6.48 -5.14 26.63
C GLY A 101 -7.84 -4.56 26.24
N ASP A 102 -7.95 -3.25 26.40
CA ASP A 102 -9.17 -2.53 26.05
C ASP A 102 -8.84 -1.65 24.84
N LEU A 103 -7.62 -1.80 24.33
CA LEU A 103 -7.12 -1.02 23.21
C LEU A 103 -7.24 -1.68 21.84
N VAL A 104 -7.95 -1.03 20.92
CA VAL A 104 -8.10 -1.52 19.55
C VAL A 104 -6.98 -0.92 18.69
N ILE A 105 -6.34 -1.74 17.86
CA ILE A 105 -5.25 -1.25 17.01
C ILE A 105 -5.47 -1.61 15.54
N LEU A 106 -5.78 -0.59 14.74
CA LEU A 106 -6.05 -0.76 13.31
C LEU A 106 -4.79 -0.75 12.45
N GLN A 107 -4.96 -1.10 11.18
CA GLN A 107 -3.84 -1.13 10.25
C GLN A 107 -4.17 -0.22 9.06
N ILE A 108 -3.82 1.07 9.16
CA ILE A 108 -4.08 2.05 8.09
C ILE A 108 -2.78 2.73 7.59
N SER A 109 -2.80 3.15 6.32
CA SER A 109 -1.64 3.76 5.68
C SER A 109 -1.57 5.27 5.82
N ASP A 110 -0.35 5.79 5.92
CA ASP A 110 -0.11 7.23 6.02
C ASP A 110 -0.86 7.90 4.90
N GLU A 111 -0.94 7.21 3.76
CA GLU A 111 -1.59 7.68 2.55
C GLU A 111 -3.08 7.99 2.64
N VAL A 112 -3.57 8.42 3.80
CA VAL A 112 -4.98 8.73 3.93
C VAL A 112 -5.17 9.95 4.81
N ASP A 113 -5.99 10.89 4.35
CA ASP A 113 -6.24 12.11 5.12
C ASP A 113 -6.83 11.77 6.49
N GLU A 114 -6.10 12.15 7.54
CA GLU A 114 -6.53 11.90 8.90
C GLU A 114 -8.01 12.17 9.08
N LYS A 115 -8.49 13.26 8.49
CA LYS A 115 -9.89 13.65 8.60
C LYS A 115 -10.86 12.55 8.13
N ILE A 116 -10.31 11.49 7.53
CA ILE A 116 -11.10 10.35 7.05
C ILE A 116 -10.55 9.11 7.74
N ARG A 117 -9.27 9.20 8.12
CA ARG A 117 -8.55 8.12 8.78
C ARG A 117 -8.98 8.07 10.25
N LYS A 118 -9.09 9.25 10.87
CA LYS A 118 -9.52 9.34 12.26
C LYS A 118 -10.97 8.92 12.36
N GLU A 119 -11.73 9.16 11.29
CA GLU A 119 -13.15 8.81 11.25
C GLU A 119 -13.37 7.32 11.38
N ILE A 120 -12.49 6.53 10.77
CA ILE A 120 -12.61 5.09 10.86
C ILE A 120 -12.46 4.69 12.34
N GLY A 121 -11.54 5.35 13.03
CA GLY A 121 -11.34 5.06 14.44
C GLY A 121 -12.57 5.49 15.23
N GLU A 122 -12.98 6.74 15.05
CA GLU A 122 -14.13 7.29 15.76
C GLU A 122 -15.35 6.39 15.56
N LEU A 123 -15.36 5.65 14.46
CA LEU A 123 -16.46 4.75 14.14
C LEU A 123 -16.06 3.29 14.34
N ALA A 124 -14.98 3.10 15.08
CA ALA A 124 -14.46 1.77 15.42
C ALA A 124 -14.59 1.71 16.94
N TYR A 125 -14.63 2.90 17.53
CA TYR A 125 -14.77 3.05 18.98
C TYR A 125 -16.26 2.83 19.25
N LYS A 126 -17.02 2.67 18.17
CA LYS A 126 -18.46 2.45 18.23
C LYS A 126 -18.88 0.98 18.12
N LEU A 127 -18.62 0.36 16.97
CA LEU A 127 -18.97 -1.06 16.75
C LEU A 127 -18.03 -2.03 17.47
N ILE A 128 -17.18 -1.51 18.35
CA ILE A 128 -16.23 -2.36 19.07
C ILE A 128 -16.00 -1.95 20.52
N PRO A 129 -16.04 -2.92 21.45
CA PRO A 129 -15.84 -2.70 22.89
C PRO A 129 -14.40 -2.40 23.27
N CYS A 130 -14.07 -1.11 23.37
CA CYS A 130 -12.73 -0.71 23.75
C CYS A 130 -12.76 0.62 24.49
N LYS A 131 -11.59 1.10 24.90
CA LYS A 131 -11.48 2.36 25.62
C LYS A 131 -10.65 3.31 24.78
N GLY A 132 -9.95 2.74 23.79
CA GLY A 132 -9.10 3.53 22.90
C GLY A 132 -8.92 2.91 21.53
N VAL A 133 -8.38 3.69 20.59
CA VAL A 133 -8.18 3.23 19.21
C VAL A 133 -6.98 3.88 18.50
N PHE A 134 -6.06 3.05 18.01
CA PHE A 134 -4.89 3.56 17.28
C PHE A 134 -4.76 2.80 15.97
N ARG A 135 -3.65 3.03 15.28
CA ARG A 135 -3.34 2.36 14.03
C ARG A 135 -1.83 2.46 13.81
N ARG A 136 -1.31 1.78 12.79
CA ARG A 136 0.11 1.83 12.52
C ARG A 136 0.43 2.38 11.15
N VAL A 146 8.12 -3.30 16.82
CA VAL A 146 7.21 -2.26 17.30
C VAL A 146 7.41 -0.93 16.58
N ARG A 147 6.37 -0.51 15.87
CA ARG A 147 6.41 0.74 15.13
C ARG A 147 5.62 1.84 15.85
N GLU A 148 5.59 3.01 15.21
CA GLU A 148 4.91 4.19 15.70
C GLU A 148 3.40 4.08 15.51
N LEU A 149 2.66 4.64 16.46
CA LEU A 149 1.20 4.60 16.45
C LEU A 149 0.53 5.97 16.37
N GLU A 150 -0.72 6.00 15.91
CA GLU A 150 -1.48 7.24 15.85
C GLU A 150 -2.79 7.06 16.60
N HIS A 151 -3.13 8.07 17.40
CA HIS A 151 -4.35 8.06 18.19
C HIS A 151 -5.52 8.50 17.33
N LEU A 152 -6.51 7.65 17.20
CA LEU A 152 -7.69 7.97 16.38
C LEU A 152 -8.95 8.24 17.18
N ALA A 153 -9.44 7.23 17.89
CA ALA A 153 -10.64 7.37 18.71
C ALA A 153 -10.37 7.03 20.16
N GLY A 154 -11.42 7.12 20.98
CA GLY A 154 -11.33 6.80 22.40
C GLY A 154 -10.21 7.44 23.21
N GLU A 155 -9.99 6.90 24.41
CA GLU A 155 -8.96 7.40 25.31
C GLU A 155 -7.58 7.34 24.66
N ASN A 156 -6.72 8.28 25.03
CA ASN A 156 -5.36 8.34 24.49
C ASN A 156 -4.34 7.74 25.44
N ARG A 157 -4.46 6.44 25.70
CA ARG A 157 -3.53 5.74 26.59
C ARG A 157 -3.01 4.53 25.82
N THR A 158 -1.73 4.21 25.96
CA THR A 158 -1.17 3.08 25.25
C THR A 158 -0.81 1.93 26.19
N LEU A 159 -0.95 2.19 27.48
CA LEU A 159 -0.64 1.20 28.51
C LEU A 159 -1.93 0.54 29.05
N THR A 160 -2.09 -0.76 28.81
CA THR A 160 -3.27 -1.50 29.26
C THR A 160 -2.96 -2.85 29.89
N ILE A 161 -3.99 -3.64 30.19
CA ILE A 161 -3.78 -4.96 30.76
C ILE A 161 -4.48 -6.00 29.92
N HIS A 162 -3.71 -6.98 29.44
CA HIS A 162 -4.26 -8.02 28.60
C HIS A 162 -4.63 -9.24 29.43
N LYS A 163 -5.69 -9.94 29.00
CA LYS A 163 -6.14 -11.14 29.66
C LYS A 163 -6.05 -12.22 28.60
N GLU A 164 -5.49 -13.37 28.97
CA GLU A 164 -5.40 -14.49 28.05
C GLU A 164 -4.94 -15.70 28.83
N ASN A 165 -5.58 -16.84 28.55
CA ASN A 165 -5.30 -18.11 29.20
C ASN A 165 -5.33 -18.07 30.73
N GLY A 166 -6.11 -17.15 31.29
CA GLY A 166 -6.24 -17.09 32.72
C GLY A 166 -5.35 -16.11 33.43
N TYR A 167 -4.26 -15.72 32.78
CA TYR A 167 -3.34 -14.77 33.39
C TYR A 167 -3.58 -13.39 32.83
N ARG A 168 -2.84 -12.41 33.34
CA ARG A 168 -2.98 -11.05 32.89
C ARG A 168 -1.61 -10.49 32.57
N LEU A 169 -1.54 -9.62 31.58
CA LEU A 169 -0.29 -9.02 31.18
C LEU A 169 -0.38 -7.51 31.03
N TRP A 170 0.64 -6.81 31.55
CA TRP A 170 0.70 -5.37 31.43
C TRP A 170 1.36 -5.09 30.10
N VAL A 171 0.67 -4.37 29.21
CA VAL A 171 1.23 -4.04 27.92
C VAL A 171 1.08 -2.54 27.58
N ASP A 172 2.14 -1.92 27.07
CA ASP A 172 2.07 -0.52 26.63
C ASP A 172 2.41 -0.63 25.14
N ILE A 173 1.39 -0.90 24.31
CA ILE A 173 1.56 -1.09 22.87
C ILE A 173 2.55 -0.19 22.12
N ALA A 174 2.80 1.00 22.63
CA ALA A 174 3.71 1.92 21.97
C ALA A 174 5.18 1.81 22.39
N LYS A 175 5.46 0.94 23.34
CA LYS A 175 6.83 0.82 23.83
C LYS A 175 7.42 -0.59 23.78
N VAL A 176 6.59 -1.60 23.59
CA VAL A 176 7.09 -2.98 23.55
C VAL A 176 6.25 -3.88 22.65
N TYR A 177 6.91 -4.82 22.00
CA TYR A 177 6.26 -5.77 21.10
C TYR A 177 5.35 -6.76 21.83
N PHE A 178 4.21 -7.05 21.24
CA PHE A 178 3.25 -7.99 21.81
C PHE A 178 2.22 -8.38 20.78
N SER A 179 1.95 -9.68 20.69
CA SER A 179 1.00 -10.23 19.74
C SER A 179 -0.13 -11.00 20.39
N PRO A 180 -1.31 -10.38 20.48
CA PRO A 180 -2.48 -11.03 21.07
C PRO A 180 -2.93 -12.27 20.32
N ARG A 181 -2.77 -12.28 19.00
CA ARG A 181 -3.21 -13.43 18.21
C ARG A 181 -2.26 -14.59 18.35
N LEU A 182 -1.42 -14.57 19.39
CA LEU A 182 -0.46 -15.64 19.62
C LEU A 182 -0.76 -16.38 20.93
N GLY A 183 -1.82 -15.97 21.62
CA GLY A 183 -2.21 -16.61 22.86
C GLY A 183 -2.41 -18.10 22.68
N GLY A 184 -2.92 -18.48 21.52
CA GLY A 184 -3.13 -19.89 21.25
C GLY A 184 -1.84 -20.62 21.46
N GLU A 185 -0.73 -19.99 21.04
CA GLU A 185 0.58 -20.58 21.19
C GLU A 185 0.97 -20.75 22.67
N ARG A 186 0.58 -19.80 23.51
CA ARG A 186 0.90 -19.90 24.92
C ARG A 186 0.04 -20.95 25.57
N ALA A 187 -1.15 -21.15 25.04
CA ALA A 187 -2.04 -22.18 25.58
C ALA A 187 -1.37 -23.55 25.33
N ARG A 188 -1.01 -23.81 24.09
CA ARG A 188 -0.37 -25.06 23.75
C ARG A 188 0.89 -25.32 24.54
N ILE A 189 1.68 -24.28 24.74
CA ILE A 189 2.93 -24.41 25.46
C ILE A 189 2.65 -24.70 26.91
N MET A 190 1.55 -24.12 27.40
CA MET A 190 1.13 -24.25 28.78
C MET A 190 0.89 -25.69 29.14
N LYS A 191 0.44 -26.44 28.16
CA LYS A 191 0.14 -27.84 28.38
C LYS A 191 1.34 -28.75 28.22
N LYS A 192 2.48 -28.19 27.80
CA LYS A 192 3.69 -28.99 27.59
C LYS A 192 4.73 -28.89 28.69
N VAL A 193 4.72 -27.79 29.44
CA VAL A 193 5.70 -27.58 30.50
C VAL A 193 5.49 -28.45 31.75
N SER A 194 6.53 -29.20 32.08
CA SER A 194 6.54 -30.12 33.23
C SER A 194 7.11 -29.41 34.46
N LEU A 195 6.83 -29.98 35.63
CA LEU A 195 7.30 -29.40 36.89
C LEU A 195 8.82 -29.33 37.00
N ASN A 196 9.50 -30.23 36.30
CA ASN A 196 10.96 -30.30 36.34
C ASN A 196 11.67 -29.46 35.27
N ASP A 197 10.90 -28.81 34.40
CA ASP A 197 11.48 -28.00 33.34
C ASP A 197 12.10 -26.67 33.78
N VAL A 198 13.14 -26.29 33.06
CA VAL A 198 13.85 -25.02 33.27
C VAL A 198 13.75 -24.35 31.91
N VAL A 199 12.98 -23.28 31.84
CA VAL A 199 12.76 -22.59 30.58
C VAL A 199 13.60 -21.31 30.40
N VAL A 200 14.10 -21.14 29.18
CA VAL A 200 14.88 -19.97 28.84
C VAL A 200 14.10 -19.25 27.76
N ASP A 201 13.38 -18.19 28.13
CA ASP A 201 12.62 -17.45 27.13
C ASP A 201 13.56 -16.47 26.46
N MET A 202 14.15 -16.87 25.33
CA MET A 202 15.10 -16.00 24.64
C MET A 202 14.61 -14.60 24.25
N PHE A 203 13.35 -14.48 23.84
CA PHE A 203 12.77 -13.17 23.47
C PHE A 203 11.44 -13.16 24.18
N ALA A 204 11.49 -12.70 25.43
CA ALA A 204 10.35 -12.66 26.33
C ALA A 204 9.23 -11.65 26.14
N GLY A 205 9.54 -10.45 25.67
CA GLY A 205 8.51 -9.44 25.51
C GLY A 205 8.01 -9.08 26.90
N VAL A 206 6.77 -8.64 27.02
CA VAL A 206 6.29 -8.30 28.34
C VAL A 206 6.22 -9.57 29.20
N GLY A 207 6.53 -10.71 28.60
CA GLY A 207 6.50 -11.95 29.34
C GLY A 207 5.32 -12.90 29.12
N PRO A 208 4.68 -12.89 27.94
CA PRO A 208 3.54 -13.80 27.75
C PRO A 208 3.90 -15.29 27.83
N PHE A 209 5.06 -15.69 27.30
CA PHE A 209 5.43 -17.08 27.33
C PHE A 209 5.95 -17.51 28.68
N SER A 210 6.56 -16.58 29.39
CA SER A 210 7.10 -16.89 30.70
C SER A 210 6.02 -17.20 31.71
N ILE A 211 4.90 -16.47 31.63
CA ILE A 211 3.78 -16.71 32.54
C ILE A 211 3.03 -17.96 32.13
N ALA A 212 2.97 -18.22 30.83
CA ALA A 212 2.28 -19.40 30.34
C ALA A 212 3.04 -20.68 30.72
N CYS A 213 4.23 -20.51 31.29
CA CYS A 213 5.08 -21.63 31.68
C CYS A 213 5.30 -21.72 33.17
N LYS A 214 4.28 -21.40 33.95
CA LYS A 214 4.40 -21.41 35.41
C LYS A 214 4.75 -22.76 36.03
N ASN A 215 4.19 -23.85 35.51
CA ASN A 215 4.48 -25.18 36.07
C ASN A 215 5.96 -25.45 36.15
N ALA A 216 6.72 -24.86 35.24
CA ALA A 216 8.15 -25.05 35.22
C ALA A 216 8.67 -24.60 36.58
N LYS A 217 9.80 -25.14 37.03
CA LYS A 217 10.35 -24.76 38.33
C LYS A 217 11.23 -23.52 38.25
N LYS A 218 11.73 -23.22 37.06
CA LYS A 218 12.58 -22.04 36.87
C LYS A 218 12.37 -21.52 35.46
N ILE A 219 12.36 -20.19 35.33
CA ILE A 219 12.19 -19.54 34.03
C ILE A 219 13.21 -18.41 33.84
N TYR A 220 13.90 -18.38 32.71
CA TYR A 220 14.82 -17.30 32.45
C TYR A 220 14.13 -16.41 31.41
N ALA A 221 13.70 -15.23 31.82
CA ALA A 221 13.02 -14.30 30.90
C ALA A 221 14.01 -13.24 30.41
N ILE A 222 14.48 -13.39 29.18
CA ILE A 222 15.44 -12.46 28.62
C ILE A 222 14.85 -11.54 27.55
N ASP A 223 15.25 -10.28 27.55
CA ASP A 223 14.80 -9.34 26.54
C ASP A 223 15.67 -8.11 26.56
N ILE A 224 16.10 -7.69 25.37
CA ILE A 224 16.96 -6.55 25.19
C ILE A 224 16.27 -5.19 25.29
N ASN A 225 14.95 -5.15 25.13
CA ASN A 225 14.22 -3.88 25.25
C ASN A 225 13.89 -3.61 26.71
N PRO A 226 14.44 -2.53 27.27
CA PRO A 226 14.19 -2.18 28.66
C PRO A 226 12.71 -2.12 29.06
N HIS A 227 11.88 -1.59 28.18
CA HIS A 227 10.46 -1.50 28.51
C HIS A 227 9.82 -2.88 28.60
N ALA A 228 10.39 -3.83 27.86
CA ALA A 228 9.86 -5.17 27.90
C ALA A 228 10.20 -5.77 29.24
N ILE A 229 11.29 -5.30 29.85
CA ILE A 229 11.68 -5.83 31.13
C ILE A 229 11.01 -5.09 32.27
N GLU A 230 10.71 -3.82 32.06
CA GLU A 230 10.02 -3.05 33.10
C GLU A 230 8.63 -3.65 33.31
N LEU A 231 7.87 -3.79 32.22
CA LEU A 231 6.54 -4.37 32.27
C LEU A 231 6.54 -5.85 32.64
N LEU A 232 7.58 -6.57 32.25
CA LEU A 232 7.73 -8.00 32.55
C LEU A 232 7.80 -8.21 34.05
N LYS A 233 8.52 -7.33 34.74
CA LYS A 233 8.66 -7.42 36.18
C LYS A 233 7.31 -7.23 36.84
N LYS A 234 6.55 -6.24 36.35
CA LYS A 234 5.22 -5.93 36.87
C LYS A 234 4.29 -7.10 36.64
N ASN A 235 4.52 -7.84 35.55
CA ASN A 235 3.71 -9.01 35.25
C ASN A 235 4.09 -10.15 36.18
N ILE A 236 5.39 -10.32 36.42
CA ILE A 236 5.89 -11.37 37.31
C ILE A 236 5.27 -11.15 38.69
N LYS A 237 5.19 -9.88 39.07
CA LYS A 237 4.62 -9.49 40.34
C LYS A 237 3.11 -9.74 40.33
N LEU A 238 2.46 -9.31 39.26
CA LEU A 238 1.00 -9.44 39.13
C LEU A 238 0.44 -10.88 39.13
N ASN A 239 1.22 -11.84 38.65
CA ASN A 239 0.77 -13.23 38.61
C ASN A 239 1.40 -14.05 39.71
N LYS A 240 1.97 -13.36 40.71
CA LYS A 240 2.63 -14.03 41.83
C LYS A 240 3.65 -15.07 41.35
N LEU A 241 4.72 -14.65 40.69
CA LEU A 241 5.71 -15.61 40.19
C LEU A 241 7.16 -15.18 40.39
N GLU A 242 7.41 -14.46 41.48
CA GLU A 242 8.73 -13.94 41.81
C GLU A 242 9.80 -15.01 42.08
N HIS A 243 9.43 -16.13 42.70
CA HIS A 243 10.38 -17.20 42.99
C HIS A 243 10.41 -18.24 41.91
N LYS A 244 9.94 -17.85 40.73
CA LYS A 244 9.89 -18.73 39.55
C LYS A 244 10.59 -18.10 38.34
N ILE A 245 10.14 -16.90 37.99
CA ILE A 245 10.67 -16.17 36.85
C ILE A 245 11.80 -15.18 37.18
N ILE A 246 12.95 -15.41 36.55
CA ILE A 246 14.15 -14.58 36.72
C ILE A 246 14.27 -13.66 35.52
N PRO A 247 13.92 -12.38 35.69
CA PRO A 247 14.00 -11.44 34.58
C PRO A 247 15.45 -11.05 34.33
N ILE A 248 15.80 -10.89 33.05
CA ILE A 248 17.14 -10.53 32.61
C ILE A 248 17.13 -9.57 31.40
N LEU A 249 17.60 -8.34 31.60
CA LEU A 249 17.66 -7.39 30.51
C LEU A 249 19.01 -7.53 29.79
N SER A 250 18.97 -7.83 28.49
CA SER A 250 20.20 -7.95 27.70
C SER A 250 19.95 -8.55 26.32
N ASP A 251 20.98 -8.53 25.49
CA ASP A 251 20.94 -9.12 24.16
C ASP A 251 21.02 -10.60 24.52
N VAL A 252 20.05 -11.41 24.11
CA VAL A 252 20.08 -12.82 24.46
C VAL A 252 21.42 -13.46 24.13
N ARG A 253 22.05 -12.95 23.09
CA ARG A 253 23.34 -13.46 22.64
C ARG A 253 24.35 -13.58 23.76
N GLU A 254 24.48 -12.50 24.53
CA GLU A 254 25.45 -12.42 25.63
C GLU A 254 24.94 -12.85 26.99
N VAL A 255 24.13 -13.88 27.00
CA VAL A 255 23.58 -14.41 28.24
C VAL A 255 24.05 -15.84 28.36
N ASP A 256 24.36 -16.24 29.59
CA ASP A 256 24.82 -17.60 29.81
C ASP A 256 23.88 -18.38 30.74
N VAL A 257 22.78 -18.86 30.18
CA VAL A 257 21.83 -19.64 30.96
C VAL A 257 21.77 -21.03 30.35
N LYS A 258 21.28 -21.97 31.13
CA LYS A 258 21.14 -23.35 30.69
C LYS A 258 19.68 -23.76 30.97
N GLY A 259 19.14 -24.66 30.14
CA GLY A 259 17.76 -25.10 30.32
C GLY A 259 17.33 -26.19 29.36
N ASN A 260 16.28 -26.92 29.74
CA ASN A 260 15.79 -28.01 28.91
C ASN A 260 14.65 -27.62 27.99
N ARG A 261 14.28 -26.34 27.99
CA ARG A 261 13.23 -25.92 27.10
C ARG A 261 13.58 -24.51 26.65
N VAL A 262 13.66 -24.31 25.35
CA VAL A 262 14.01 -22.99 24.84
C VAL A 262 12.90 -22.44 23.91
N ILE A 263 12.36 -21.28 24.26
CA ILE A 263 11.34 -20.66 23.43
C ILE A 263 11.92 -19.50 22.64
N MET A 264 11.78 -19.56 21.32
CA MET A 264 12.30 -18.54 20.43
C MET A 264 11.21 -17.71 19.73
N ASN A 265 10.50 -16.88 20.50
CA ASN A 265 9.43 -16.05 19.97
C ASN A 265 9.89 -14.79 19.22
N LEU A 266 10.57 -15.00 18.09
CA LEU A 266 11.09 -13.92 17.22
C LEU A 266 11.08 -14.47 15.78
N PRO A 267 9.87 -14.79 15.26
CA PRO A 267 9.60 -15.34 13.91
C PRO A 267 10.43 -14.77 12.79
N LYS A 268 10.55 -13.45 12.79
CA LYS A 268 11.28 -12.74 11.76
C LYS A 268 12.78 -12.98 11.72
N PHE A 269 13.40 -13.33 12.85
CA PHE A 269 14.84 -13.54 12.86
C PHE A 269 15.32 -14.77 13.63
N ALA A 270 14.38 -15.58 14.10
CA ALA A 270 14.70 -16.78 14.86
C ALA A 270 15.94 -17.51 14.32
N HIS A 271 15.98 -17.71 13.01
CA HIS A 271 17.08 -18.40 12.36
C HIS A 271 18.48 -17.90 12.73
N LYS A 272 18.65 -16.58 12.83
CA LYS A 272 19.95 -16.01 13.17
C LYS A 272 20.28 -16.15 14.65
N PHE A 273 19.66 -17.09 15.34
CA PHE A 273 19.90 -17.27 16.77
C PHE A 273 19.98 -18.73 17.17
N ILE A 274 19.64 -19.61 16.24
CA ILE A 274 19.64 -21.04 16.50
C ILE A 274 20.91 -21.53 17.21
N ASP A 275 22.06 -21.06 16.77
CA ASP A 275 23.29 -21.50 17.40
C ASP A 275 23.36 -21.16 18.88
N LYS A 276 22.86 -19.99 19.26
CA LYS A 276 22.89 -19.64 20.68
C LYS A 276 21.96 -20.53 21.48
N ALA A 277 20.74 -20.72 20.98
CA ALA A 277 19.75 -21.54 21.64
C ALA A 277 20.26 -22.96 21.86
N LEU A 278 20.97 -23.49 20.87
CA LEU A 278 21.51 -24.84 20.98
C LEU A 278 22.59 -24.89 22.04
N ASP A 279 23.17 -23.73 22.33
CA ASP A 279 24.23 -23.63 23.31
C ASP A 279 23.67 -23.46 24.72
N ILE A 280 22.40 -23.07 24.79
CA ILE A 280 21.72 -22.85 26.06
C ILE A 280 21.04 -24.14 26.52
N VAL A 281 20.36 -24.79 25.58
CA VAL A 281 19.62 -26.00 25.87
C VAL A 281 20.52 -27.18 26.27
N GLU A 282 19.92 -28.15 26.94
CA GLU A 282 20.60 -29.36 27.39
C GLU A 282 20.31 -30.46 26.37
N GLU A 283 21.04 -31.56 26.43
CA GLU A 283 20.75 -32.64 25.49
C GLU A 283 19.46 -33.23 26.01
N GLY A 284 18.57 -33.64 25.11
CA GLY A 284 17.29 -34.23 25.51
C GLY A 284 16.17 -33.20 25.58
N GLY A 285 16.56 -31.93 25.55
CA GLY A 285 15.63 -30.84 25.63
C GLY A 285 15.04 -30.38 24.31
N VAL A 286 13.99 -29.58 24.42
CA VAL A 286 13.28 -29.09 23.25
C VAL A 286 13.44 -27.60 22.97
N ILE A 287 13.46 -27.26 21.69
CA ILE A 287 13.55 -25.90 21.24
C ILE A 287 12.25 -25.54 20.55
N HIS A 288 11.47 -24.67 21.18
CA HIS A 288 10.23 -24.23 20.60
C HIS A 288 10.66 -23.13 19.65
N TYR A 289 10.70 -23.48 18.37
CA TYR A 289 11.14 -22.57 17.33
C TYR A 289 9.97 -22.00 16.51
N TYR A 290 9.98 -20.69 16.32
CA TYR A 290 8.96 -20.00 15.53
C TYR A 290 9.69 -19.31 14.40
N THR A 291 9.22 -19.50 13.18
CA THR A 291 9.90 -18.89 12.07
C THR A 291 8.89 -18.48 11.02
N ILE A 292 9.38 -18.16 9.83
CA ILE A 292 8.51 -17.77 8.74
C ILE A 292 8.89 -18.55 7.48
N GLY A 293 7.89 -18.85 6.64
CA GLY A 293 8.14 -19.60 5.41
C GLY A 293 6.89 -20.13 4.75
N LYS A 294 7.06 -20.71 3.57
CA LYS A 294 5.95 -21.28 2.82
C LYS A 294 5.86 -22.76 3.10
N ASP A 295 6.99 -23.31 3.53
CA ASP A 295 7.14 -24.74 3.83
C ASP A 295 7.74 -24.85 5.23
N PHE A 296 8.23 -26.04 5.55
CA PHE A 296 8.86 -26.30 6.84
C PHE A 296 10.33 -26.65 6.60
N ASP A 297 10.61 -27.25 5.45
CA ASP A 297 11.94 -27.69 5.05
C ASP A 297 13.14 -26.82 5.35
N LYS A 298 13.15 -25.58 4.89
CA LYS A 298 14.28 -24.72 5.16
C LYS A 298 14.55 -24.64 6.65
N ALA A 299 13.48 -24.54 7.44
CA ALA A 299 13.60 -24.46 8.88
C ALA A 299 14.04 -25.80 9.49
N ILE A 300 13.79 -26.88 8.77
CA ILE A 300 14.20 -28.18 9.29
C ILE A 300 15.64 -28.47 8.91
N LYS A 301 15.97 -28.27 7.63
CA LYS A 301 17.35 -28.48 7.22
C LYS A 301 18.17 -27.77 8.29
N LEU A 302 18.05 -26.45 8.31
CA LEU A 302 18.77 -25.59 9.25
C LEU A 302 19.12 -26.25 10.57
N PHE A 303 18.15 -26.89 11.21
CA PHE A 303 18.40 -27.57 12.46
C PHE A 303 19.06 -28.91 12.20
N GLU A 304 18.38 -29.70 11.37
CA GLU A 304 18.80 -31.05 10.98
C GLU A 304 20.30 -31.13 10.68
N LYS A 305 20.87 -30.05 10.15
CA LYS A 305 22.29 -30.05 9.85
C LYS A 305 23.10 -29.58 11.06
N LYS A 306 22.59 -28.58 11.78
CA LYS A 306 23.28 -28.06 12.95
C LYS A 306 23.32 -29.03 14.12
N CYS A 307 22.30 -29.88 14.23
CA CYS A 307 22.24 -30.86 15.31
C CYS A 307 21.72 -32.21 14.88
N ASP A 308 21.67 -33.11 15.86
CA ASP A 308 21.14 -34.43 15.70
C ASP A 308 19.83 -34.23 16.46
N CYS A 309 18.89 -33.58 15.77
CA CYS A 309 17.61 -33.22 16.32
C CYS A 309 16.45 -34.05 15.79
N GLU A 310 15.28 -33.83 16.37
CA GLU A 310 14.08 -34.58 16.01
C GLU A 310 12.83 -33.73 16.18
N VAL A 311 12.04 -33.57 15.12
CA VAL A 311 10.82 -32.77 15.20
C VAL A 311 9.80 -33.52 16.04
N LEU A 312 9.21 -32.87 17.02
CA LEU A 312 8.22 -33.54 17.87
C LEU A 312 6.82 -33.10 17.49
N GLU A 313 6.73 -31.94 16.86
CA GLU A 313 5.45 -31.38 16.48
C GLU A 313 5.71 -30.21 15.55
N LYS A 314 4.86 -29.99 14.56
CA LYS A 314 5.05 -28.84 13.66
C LYS A 314 3.70 -28.29 13.22
N ARG A 315 3.43 -27.04 13.58
CA ARG A 315 2.17 -26.39 13.26
C ARG A 315 2.33 -25.10 12.48
N ILE A 316 1.25 -24.67 11.84
CA ILE A 316 1.23 -23.40 11.11
C ILE A 316 0.53 -22.44 12.08
N VAL A 317 1.26 -21.46 12.58
CA VAL A 317 0.68 -20.51 13.51
C VAL A 317 -0.33 -19.56 12.88
N LYS A 318 0.07 -18.83 11.85
CA LYS A 318 -0.84 -17.92 11.16
C LYS A 318 -0.29 -17.37 9.85
N SER A 319 -1.07 -16.52 9.20
CA SER A 319 -0.66 -15.95 7.92
C SER A 319 0.15 -14.68 8.12
N TYR A 320 1.16 -14.51 7.28
CA TYR A 320 2.05 -13.35 7.31
C TYR A 320 1.67 -12.43 6.16
N ALA A 321 2.09 -12.81 4.96
CA ALA A 321 1.81 -12.06 3.74
C ALA A 321 0.98 -13.01 2.86
N PRO A 322 1.21 -13.04 1.53
CA PRO A 322 0.38 -13.99 0.77
C PRO A 322 1.07 -15.37 0.70
N ARG A 323 0.45 -16.39 1.28
CA ARG A 323 1.01 -17.74 1.30
C ARG A 323 2.34 -17.77 2.09
N GLU A 324 2.56 -16.71 2.88
CA GLU A 324 3.73 -16.56 3.73
C GLU A 324 3.24 -16.78 5.15
N TYR A 325 3.61 -17.90 5.75
CA TYR A 325 3.12 -18.22 7.09
C TYR A 325 4.12 -18.01 8.22
N ILE A 326 3.59 -18.12 9.44
CA ILE A 326 4.39 -18.01 10.67
C ILE A 326 4.33 -19.41 11.23
N LEU A 327 5.31 -20.23 10.85
CA LEU A 327 5.37 -21.60 11.29
C LEU A 327 5.87 -21.75 12.71
N ALA A 328 5.60 -22.91 13.28
CA ALA A 328 6.06 -23.22 14.62
C ALA A 328 6.53 -24.68 14.62
N LEU A 329 7.76 -24.91 15.04
CA LEU A 329 8.27 -26.26 15.10
C LEU A 329 8.73 -26.56 16.50
N ASP A 330 8.72 -27.83 16.85
CA ASP A 330 9.16 -28.29 18.16
C ASP A 330 10.29 -29.26 17.93
N PHE A 331 11.50 -28.84 18.30
CA PHE A 331 12.69 -29.64 18.09
C PHE A 331 13.28 -30.27 19.33
N LYS A 332 13.49 -31.59 19.28
CA LYS A 332 14.11 -32.31 20.39
C LYS A 332 15.58 -32.48 20.01
N ILE A 333 16.46 -31.89 20.79
CA ILE A 333 17.89 -31.97 20.51
C ILE A 333 18.48 -33.19 21.21
N ASN A 334 18.61 -34.29 20.47
CA ASN A 334 19.11 -35.54 21.03
C ASN A 334 20.61 -35.61 21.29
N LYS A 335 21.36 -34.71 20.70
CA LYS A 335 22.80 -34.71 20.90
C LYS A 335 23.36 -33.50 20.18
N LYS A 336 24.06 -32.67 20.94
CA LYS A 336 24.67 -31.47 20.38
C LYS A 336 25.81 -31.89 19.47
N PRO B 2 -11.63 40.27 -9.05
CA PRO B 2 -12.07 38.86 -9.29
C PRO B 2 -11.39 37.88 -8.33
N LEU B 3 -10.19 38.27 -7.86
CA LEU B 3 -9.34 37.51 -6.94
C LEU B 3 -7.90 37.61 -7.43
N CYS B 4 -7.11 38.44 -6.77
CA CYS B 4 -5.73 38.64 -7.19
C CYS B 4 -4.66 38.32 -6.15
N LEU B 5 -3.43 38.64 -6.52
CA LEU B 5 -2.27 38.45 -5.68
C LEU B 5 -1.66 39.82 -5.44
N LYS B 6 -1.68 40.27 -4.20
CA LYS B 6 -1.12 41.58 -3.91
C LYS B 6 0.36 41.41 -3.54
N ILE B 7 1.22 41.90 -4.42
CA ILE B 7 2.68 41.85 -4.26
C ILE B 7 3.28 43.21 -4.62
N ASN B 8 4.39 43.56 -3.98
CA ASN B 8 5.07 44.82 -4.29
C ASN B 8 5.43 44.65 -5.76
N LYS B 9 5.21 45.66 -6.59
CA LYS B 9 5.51 45.47 -8.02
C LYS B 9 6.98 45.48 -8.46
N LYS B 10 7.91 45.30 -7.51
CA LYS B 10 9.33 45.25 -7.86
C LYS B 10 9.70 43.83 -8.23
N HIS B 11 8.83 42.90 -7.80
CA HIS B 11 8.97 41.49 -8.07
C HIS B 11 7.81 41.20 -9.02
N GLY B 12 7.39 42.26 -9.71
CA GLY B 12 6.27 42.19 -10.62
C GLY B 12 6.31 41.15 -11.71
N GLU B 13 7.33 41.23 -12.57
CA GLU B 13 7.44 40.27 -13.67
C GLU B 13 7.89 38.88 -13.29
N GLN B 14 8.73 38.77 -12.27
CA GLN B 14 9.20 37.47 -11.81
C GLN B 14 7.96 36.63 -11.52
N THR B 15 7.07 37.20 -10.71
CA THR B 15 5.83 36.55 -10.31
C THR B 15 4.93 36.08 -11.47
N ARG B 16 4.70 36.95 -12.45
CA ARG B 16 3.86 36.56 -13.59
C ARG B 16 4.38 35.23 -14.18
N ARG B 17 5.71 35.07 -14.22
CA ARG B 17 6.32 33.85 -14.76
C ARG B 17 6.07 32.65 -13.83
N ILE B 18 6.45 32.80 -12.57
CA ILE B 18 6.23 31.73 -11.59
C ILE B 18 4.75 31.35 -11.73
N LEU B 19 3.89 32.35 -11.72
CA LEU B 19 2.47 32.13 -11.87
C LEU B 19 2.11 31.28 -13.07
N ILE B 20 2.52 31.73 -14.25
CA ILE B 20 2.24 31.00 -15.49
C ILE B 20 2.71 29.55 -15.47
N GLU B 21 3.91 29.32 -14.97
CA GLU B 21 4.44 27.96 -14.91
C GLU B 21 3.58 26.99 -14.12
N ASN B 22 2.86 27.49 -13.12
CA ASN B 22 2.03 26.61 -12.32
C ASN B 22 0.57 26.67 -12.68
N ASN B 23 0.28 27.36 -13.79
CA ASN B 23 -1.08 27.48 -14.29
C ASN B 23 -1.95 28.31 -13.36
N LEU B 24 -1.33 28.94 -12.37
CA LEU B 24 -2.10 29.75 -11.42
C LEU B 24 -2.54 31.10 -11.96
N LEU B 25 -2.01 31.48 -13.11
CA LEU B 25 -2.40 32.75 -13.70
C LEU B 25 -3.68 32.50 -14.45
N ASN B 26 -4.64 33.37 -14.23
CA ASN B 26 -5.92 33.24 -14.90
C ASN B 26 -6.04 34.28 -16.00
N LYS B 27 -5.93 33.82 -17.25
CA LYS B 27 -6.03 34.73 -18.37
C LYS B 27 -7.48 35.07 -18.69
N ASP B 28 -8.10 35.87 -17.81
CA ASP B 28 -9.49 36.29 -17.98
C ASP B 28 -9.66 37.80 -17.78
N TYR B 29 -9.46 38.30 -16.56
CA TYR B 29 -9.57 39.74 -16.40
C TYR B 29 -8.15 40.28 -16.48
N LYS B 30 -8.00 41.53 -16.95
CA LYS B 30 -6.70 42.14 -17.15
C LYS B 30 -5.80 42.40 -15.95
N ILE B 31 -4.55 41.95 -16.09
CA ILE B 31 -3.52 42.14 -15.08
C ILE B 31 -3.53 43.64 -14.78
N THR B 32 -3.77 44.02 -13.54
CA THR B 32 -3.83 45.43 -13.19
C THR B 32 -2.87 45.84 -12.07
N SER B 33 -2.48 47.12 -12.06
CA SER B 33 -1.58 47.65 -11.04
C SER B 33 -2.28 48.74 -10.21
N GLU B 34 -1.68 49.08 -9.06
CA GLU B 34 -2.23 50.08 -8.15
C GLU B 34 -1.14 50.72 -7.28
N GLY B 35 -1.46 50.94 -6.01
CA GLY B 35 -0.52 51.55 -5.09
C GLY B 35 0.72 50.72 -4.84
N ASN B 36 1.75 50.93 -5.65
CA ASN B 36 3.03 50.20 -5.53
C ASN B 36 2.88 48.70 -5.71
N TYR B 37 1.67 48.25 -6.05
CA TYR B 37 1.41 46.83 -6.21
C TYR B 37 0.68 46.52 -7.51
N LEU B 38 1.01 45.39 -8.14
CA LEU B 38 0.28 44.99 -9.33
C LEU B 38 -0.60 43.88 -8.74
N TYR B 39 -1.56 43.37 -9.48
CA TYR B 39 -2.43 42.36 -8.90
C TYR B 39 -2.41 40.95 -9.48
N LEU B 40 -2.88 40.79 -10.71
CA LEU B 40 -2.86 39.46 -11.35
C LEU B 40 -4.00 38.52 -11.01
N PRO B 41 -4.85 38.21 -11.99
CA PRO B 41 -5.98 37.30 -11.79
C PRO B 41 -5.51 35.87 -11.54
N ILE B 42 -5.52 35.45 -10.28
CA ILE B 42 -5.08 34.12 -9.89
C ILE B 42 -6.23 33.14 -9.64
N LYS B 43 -6.06 31.88 -10.05
CA LYS B 43 -7.06 30.85 -9.84
C LYS B 43 -7.05 30.54 -8.33
N ASP B 44 -8.02 29.76 -7.85
CA ASP B 44 -8.09 29.42 -6.42
C ASP B 44 -6.99 28.49 -5.90
N VAL B 45 -6.51 28.78 -4.68
CA VAL B 45 -5.45 27.98 -4.08
C VAL B 45 -5.12 28.36 -2.63
N ASP B 46 -4.86 27.36 -1.79
CA ASP B 46 -4.52 27.63 -0.40
C ASP B 46 -3.15 28.32 -0.39
N GLU B 47 -3.01 29.34 0.44
CA GLU B 47 -1.76 30.09 0.49
C GLU B 47 -0.55 29.31 1.00
N ASP B 48 -0.77 28.20 1.70
CA ASP B 48 0.34 27.42 2.23
C ASP B 48 1.28 27.03 1.10
N ILE B 49 0.70 26.57 -0.01
CA ILE B 49 1.46 26.14 -1.19
C ILE B 49 2.17 27.29 -1.90
N LEU B 50 1.48 28.40 -2.12
CA LEU B 50 2.08 29.55 -2.77
C LEU B 50 3.35 29.93 -2.03
N LYS B 51 3.48 29.43 -0.80
CA LYS B 51 4.64 29.72 0.05
C LYS B 51 5.88 28.95 -0.37
N SER B 52 5.67 27.84 -1.10
CA SER B 52 6.77 27.01 -1.55
C SER B 52 7.15 27.33 -3.00
N ILE B 53 6.25 27.98 -3.72
CA ILE B 53 6.53 28.36 -5.11
C ILE B 53 6.77 29.87 -5.28
N LEU B 54 6.92 30.57 -4.16
CA LEU B 54 7.17 32.03 -4.15
C LEU B 54 8.27 32.39 -3.14
N ASN B 55 8.98 33.48 -3.41
CA ASN B 55 10.08 33.90 -2.55
C ASN B 55 9.89 35.26 -1.89
N ILE B 56 8.73 35.89 -2.12
CA ILE B 56 8.46 37.19 -1.52
C ILE B 56 7.10 37.16 -0.85
N GLU B 57 6.83 38.16 -0.02
CA GLU B 57 5.55 38.22 0.67
C GLU B 57 4.41 38.57 -0.27
N PHE B 58 3.30 37.86 -0.13
CA PHE B 58 2.11 38.07 -0.97
C PHE B 58 0.82 38.13 -0.14
N GLU B 59 -0.31 38.26 -0.82
CA GLU B 59 -1.60 38.35 -0.15
C GLU B 59 -2.73 38.12 -1.16
N LEU B 60 -3.72 37.33 -0.81
CA LEU B 60 -4.84 37.05 -1.72
C LEU B 60 -6.03 37.97 -1.50
N VAL B 61 -6.61 38.51 -2.58
CA VAL B 61 -7.74 39.43 -2.47
C VAL B 61 -8.84 39.23 -3.50
N ASP B 62 -9.60 40.30 -3.76
CA ASP B 62 -10.71 40.25 -4.72
C ASP B 62 -10.93 41.60 -5.42
N LYS B 63 -12.15 41.82 -5.91
CA LYS B 63 -12.55 43.05 -6.59
C LYS B 63 -14.03 43.01 -6.97
N GLU B 78 -18.21 29.34 -25.30
CA GLU B 78 -19.61 29.72 -25.28
C GLU B 78 -20.54 28.53 -25.21
N ILE B 79 -20.07 27.45 -24.61
CA ILE B 79 -20.87 26.24 -24.42
C ILE B 79 -21.61 26.50 -23.12
N ILE B 80 -22.53 27.46 -23.18
CA ILE B 80 -23.34 27.90 -22.04
C ILE B 80 -24.35 26.87 -21.54
N SER B 81 -24.07 26.32 -20.36
CA SER B 81 -24.94 25.34 -19.74
C SER B 81 -26.29 25.98 -19.46
N LYS B 82 -26.36 26.70 -18.34
CA LYS B 82 -27.57 27.40 -17.88
C LYS B 82 -28.82 26.54 -17.79
N LYS B 83 -29.23 25.96 -18.91
CA LYS B 83 -30.40 25.09 -18.98
C LYS B 83 -30.28 23.91 -18.01
N TYR B 84 -29.21 23.15 -18.15
CA TYR B 84 -28.97 22.01 -17.27
C TYR B 84 -28.12 22.46 -16.08
N ARG B 85 -28.10 23.78 -15.83
CA ARG B 85 -27.33 24.35 -14.73
C ARG B 85 -27.91 23.89 -13.41
N LYS B 86 -28.78 22.89 -13.49
CA LYS B 86 -29.42 22.34 -12.31
C LYS B 86 -28.44 21.36 -11.68
N GLU B 87 -28.08 20.35 -12.45
CA GLU B 87 -27.18 19.28 -12.01
C GLU B 87 -25.73 19.71 -11.84
N ILE B 88 -25.35 20.84 -12.42
CA ILE B 88 -23.99 21.35 -12.30
C ILE B 88 -23.64 21.54 -10.82
N ASP B 89 -24.55 22.18 -10.10
CA ASP B 89 -24.39 22.45 -8.68
C ASP B 89 -24.52 21.14 -7.91
N GLU B 90 -25.50 20.33 -8.31
CA GLU B 90 -25.73 19.03 -7.69
C GLU B 90 -24.43 18.22 -7.74
N GLY B 91 -23.86 18.13 -8.94
CA GLY B 91 -22.63 17.39 -9.15
C GLY B 91 -22.86 16.18 -10.04
N LEU B 92 -23.94 16.22 -10.82
CA LEU B 92 -24.30 15.12 -11.72
C LEU B 92 -23.78 15.31 -13.14
N ILE B 93 -23.39 16.54 -13.46
CA ILE B 93 -22.86 16.89 -14.78
C ILE B 93 -21.72 17.89 -14.68
N SER B 94 -20.59 17.54 -15.29
CA SER B 94 -19.38 18.36 -15.26
C SER B 94 -19.30 19.49 -16.30
N LEU B 95 -18.93 20.68 -15.86
CA LEU B 95 -18.82 21.84 -16.75
C LEU B 95 -17.44 21.91 -17.45
N SER B 96 -16.89 20.75 -17.84
CA SER B 96 -15.60 20.71 -18.51
C SER B 96 -15.50 19.45 -19.37
N TYR B 97 -15.08 19.61 -20.63
CA TYR B 97 -14.95 18.47 -21.54
C TYR B 97 -13.51 18.15 -21.96
N ASP B 98 -13.41 17.25 -22.93
CA ASP B 98 -12.11 16.83 -23.44
C ASP B 98 -12.25 16.54 -24.91
N VAL B 99 -11.24 16.92 -25.68
CA VAL B 99 -11.28 16.66 -27.11
C VAL B 99 -10.01 15.92 -27.52
N VAL B 100 -10.16 14.62 -27.75
CA VAL B 100 -9.05 13.79 -28.19
C VAL B 100 -9.22 13.66 -29.69
N GLY B 101 -8.42 14.40 -30.43
CA GLY B 101 -8.51 14.37 -31.88
C GLY B 101 -9.78 15.09 -32.27
N ASP B 102 -10.65 14.39 -33.00
CA ASP B 102 -11.94 14.94 -33.44
C ASP B 102 -13.09 14.20 -32.75
N LEU B 103 -12.87 13.91 -31.46
CA LEU B 103 -13.83 13.22 -30.60
C LEU B 103 -14.01 14.04 -29.31
N VAL B 104 -15.24 14.14 -28.81
CA VAL B 104 -15.54 14.90 -27.58
C VAL B 104 -15.97 13.98 -26.43
N ILE B 105 -15.25 13.99 -25.31
CA ILE B 105 -15.62 13.14 -24.18
C ILE B 105 -16.14 13.94 -22.99
N LEU B 106 -17.45 13.86 -22.78
CA LEU B 106 -18.13 14.59 -21.71
C LEU B 106 -18.19 13.78 -20.40
N GLN B 107 -18.31 14.50 -19.29
CA GLN B 107 -18.42 13.86 -18.00
C GLN B 107 -19.88 13.89 -17.53
N ILE B 108 -20.67 12.94 -18.04
CA ILE B 108 -22.08 12.83 -17.68
C ILE B 108 -22.21 11.66 -16.72
N SER B 109 -21.73 11.85 -15.50
CA SER B 109 -21.79 10.82 -14.47
C SER B 109 -23.20 10.27 -14.48
N ASP B 110 -23.34 9.06 -15.01
CA ASP B 110 -24.62 8.39 -15.11
C ASP B 110 -25.46 8.67 -13.87
N GLU B 111 -26.75 8.87 -14.11
CA GLU B 111 -27.77 9.17 -13.10
C GLU B 111 -28.58 10.31 -13.70
N VAL B 112 -28.73 10.24 -15.03
CA VAL B 112 -29.48 11.20 -15.82
C VAL B 112 -30.14 10.36 -16.91
N ASP B 113 -31.12 10.94 -17.60
CA ASP B 113 -31.85 10.23 -18.64
C ASP B 113 -31.02 9.89 -19.88
N GLU B 114 -31.13 8.64 -20.35
CA GLU B 114 -30.40 8.21 -21.54
C GLU B 114 -30.92 8.95 -22.77
N LYS B 115 -32.03 9.65 -22.60
CA LYS B 115 -32.62 10.42 -23.68
C LYS B 115 -32.41 11.91 -23.40
N ILE B 116 -31.94 12.21 -22.20
CA ILE B 116 -31.66 13.57 -21.79
C ILE B 116 -30.21 13.86 -22.17
N ARG B 117 -29.32 12.96 -21.77
CA ARG B 117 -27.91 13.11 -22.07
C ARG B 117 -27.64 12.76 -23.52
N LYS B 118 -28.29 11.70 -24.02
CA LYS B 118 -28.08 11.34 -25.41
C LYS B 118 -28.51 12.56 -26.22
N GLU B 119 -29.42 13.34 -25.64
CA GLU B 119 -29.89 14.56 -26.27
C GLU B 119 -28.71 15.51 -26.12
N ILE B 120 -28.17 15.56 -24.90
CA ILE B 120 -27.02 16.40 -24.59
C ILE B 120 -25.90 16.14 -25.60
N GLY B 121 -25.69 14.86 -25.91
CA GLY B 121 -24.67 14.52 -26.87
C GLY B 121 -24.86 15.41 -28.08
N GLU B 122 -26.08 15.43 -28.62
CA GLU B 122 -26.41 16.24 -29.78
C GLU B 122 -25.97 17.68 -29.61
N LEU B 123 -26.18 18.21 -28.41
CA LEU B 123 -25.81 19.58 -28.13
C LEU B 123 -24.31 19.79 -28.34
N ALA B 124 -23.53 18.74 -28.10
CA ALA B 124 -22.09 18.79 -28.27
C ALA B 124 -21.66 18.79 -29.73
N TYR B 125 -22.17 17.83 -30.49
CA TYR B 125 -21.86 17.72 -31.92
C TYR B 125 -22.18 19.05 -32.60
N LYS B 126 -22.85 19.93 -31.86
CA LYS B 126 -23.24 21.23 -32.39
C LYS B 126 -22.24 22.33 -32.02
N LEU B 127 -22.39 22.92 -30.83
CA LEU B 127 -21.51 24.00 -30.34
C LEU B 127 -20.01 23.63 -30.27
N ILE B 128 -19.66 22.43 -30.73
CA ILE B 128 -18.26 21.97 -30.69
C ILE B 128 -17.90 21.19 -31.97
N PRO B 129 -16.69 21.43 -32.51
CA PRO B 129 -16.20 20.75 -33.73
C PRO B 129 -15.66 19.34 -33.49
N CYS B 130 -16.32 18.34 -34.07
CA CYS B 130 -15.92 16.96 -33.93
C CYS B 130 -16.64 16.04 -34.90
N LYS B 131 -16.48 14.73 -34.68
CA LYS B 131 -17.12 13.73 -35.53
C LYS B 131 -17.89 12.71 -34.69
N GLY B 132 -17.79 12.84 -33.37
CA GLY B 132 -18.48 11.92 -32.46
C GLY B 132 -18.52 12.48 -31.03
N VAL B 133 -19.34 11.88 -30.16
CA VAL B 133 -19.46 12.31 -28.76
C VAL B 133 -19.72 11.14 -27.79
N PHE B 134 -19.09 11.18 -26.60
CA PHE B 134 -19.23 10.13 -25.57
C PHE B 134 -19.28 10.72 -24.16
N ARG B 135 -19.29 9.85 -23.14
CA ARG B 135 -19.33 10.33 -21.76
C ARG B 135 -18.63 9.46 -20.70
N ARG B 136 -18.46 10.07 -19.52
CA ARG B 136 -17.83 9.51 -18.32
C ARG B 136 -18.22 8.06 -17.97
N LYS B 137 -18.29 7.78 -16.68
CA LYS B 137 -18.63 6.47 -16.14
C LYS B 137 -19.83 5.85 -16.86
N ARG B 145 -7.03 6.18 -14.91
CA ARG B 145 -7.75 4.95 -15.22
C ARG B 145 -8.79 5.15 -16.33
N VAL B 146 -8.84 4.21 -17.27
CA VAL B 146 -9.78 4.23 -18.40
C VAL B 146 -11.21 3.85 -18.01
N ARG B 147 -12.14 4.78 -18.24
CA ARG B 147 -13.55 4.56 -17.92
C ARG B 147 -14.32 4.01 -19.12
N GLU B 148 -15.49 3.44 -18.83
CA GLU B 148 -16.38 2.89 -19.85
C GLU B 148 -17.02 4.07 -20.55
N LEU B 149 -17.25 3.98 -21.85
CA LEU B 149 -17.83 5.10 -22.61
C LEU B 149 -19.20 4.84 -23.26
N GLU B 150 -20.08 5.83 -23.23
CA GLU B 150 -21.40 5.69 -23.86
C GLU B 150 -21.54 6.63 -25.05
N HIS B 151 -21.96 6.09 -26.19
CA HIS B 151 -22.13 6.88 -27.40
C HIS B 151 -23.30 7.82 -27.24
N LEU B 152 -23.22 8.99 -27.87
CA LEU B 152 -24.29 9.98 -27.80
C LEU B 152 -24.56 10.59 -29.17
N ALA B 153 -23.62 11.36 -29.67
CA ALA B 153 -23.78 12.00 -30.97
C ALA B 153 -22.93 11.39 -32.05
N GLY B 154 -22.77 12.15 -33.14
CA GLY B 154 -21.98 11.77 -34.31
C GLY B 154 -21.50 10.35 -34.58
N GLU B 155 -20.50 10.27 -35.44
CA GLU B 155 -19.90 8.99 -35.84
C GLU B 155 -19.51 8.21 -34.59
N ASN B 156 -19.48 6.90 -34.70
CA ASN B 156 -19.15 6.05 -33.55
C ASN B 156 -17.80 5.32 -33.60
N ARG B 157 -16.71 6.07 -33.53
CA ARG B 157 -15.38 5.47 -33.53
C ARG B 157 -14.59 6.00 -32.34
N THR B 158 -14.07 5.09 -31.54
CA THR B 158 -13.29 5.47 -30.37
C THR B 158 -11.85 5.74 -30.77
N LEU B 159 -11.49 5.21 -31.93
CA LEU B 159 -10.16 5.35 -32.51
C LEU B 159 -10.09 6.69 -33.29
N THR B 160 -9.05 7.48 -33.03
CA THR B 160 -8.89 8.79 -33.68
C THR B 160 -7.43 9.15 -33.71
N ILE B 161 -7.11 10.36 -34.19
CA ILE B 161 -5.73 10.82 -34.21
C ILE B 161 -5.62 12.16 -33.52
N HIS B 162 -4.58 12.32 -32.72
CA HIS B 162 -4.38 13.54 -31.96
C HIS B 162 -3.14 14.26 -32.45
N LYS B 163 -3.25 15.57 -32.53
CA LYS B 163 -2.14 16.42 -32.98
C LYS B 163 -1.73 17.29 -31.81
N GLU B 164 -0.45 17.24 -31.44
CA GLU B 164 0.04 18.07 -30.36
C GLU B 164 1.52 18.25 -30.53
N ASN B 165 1.98 19.42 -30.09
CA ASN B 165 3.38 19.80 -30.15
C ASN B 165 4.04 19.40 -31.46
N GLY B 166 3.25 19.36 -32.53
CA GLY B 166 3.82 19.03 -33.82
C GLY B 166 3.71 17.60 -34.29
N TYR B 167 3.74 16.65 -33.37
CA TYR B 167 3.64 15.24 -33.76
C TYR B 167 2.20 14.75 -33.77
N ARG B 168 2.03 13.45 -33.92
CA ARG B 168 0.70 12.86 -33.95
C ARG B 168 0.62 11.57 -33.19
N LEU B 169 -0.55 11.34 -32.60
CA LEU B 169 -0.78 10.16 -31.80
C LEU B 169 -2.08 9.46 -32.11
N TRP B 170 -2.03 8.15 -32.25
CA TRP B 170 -3.24 7.38 -32.48
C TRP B 170 -3.82 7.20 -31.09
N VAL B 171 -5.14 7.28 -30.97
CA VAL B 171 -5.76 7.08 -29.66
C VAL B 171 -7.16 6.46 -29.76
N ASP B 172 -7.35 5.31 -29.11
CA ASP B 172 -8.66 4.66 -29.06
C ASP B 172 -9.07 4.92 -27.61
N ILE B 173 -9.82 5.99 -27.41
CA ILE B 173 -10.28 6.41 -26.09
C ILE B 173 -10.91 5.30 -25.24
N ALA B 174 -11.39 4.26 -25.91
CA ALA B 174 -12.03 3.15 -25.22
C ALA B 174 -11.05 2.15 -24.61
N LYS B 175 -9.94 1.90 -25.30
CA LYS B 175 -8.99 0.89 -24.82
C LYS B 175 -7.72 1.30 -24.06
N VAL B 176 -7.17 2.50 -24.30
CA VAL B 176 -5.98 2.94 -23.58
C VAL B 176 -6.19 4.29 -22.94
N TYR B 177 -5.36 4.62 -21.96
CA TYR B 177 -5.48 5.90 -21.26
C TYR B 177 -4.65 7.00 -21.93
N PHE B 178 -5.22 8.20 -21.99
CA PHE B 178 -4.54 9.35 -22.57
C PHE B 178 -5.15 10.66 -22.12
N SER B 179 -4.31 11.57 -21.65
CA SER B 179 -4.76 12.89 -21.20
C SER B 179 -4.33 13.98 -22.17
N PRO B 180 -5.28 14.75 -22.73
CA PRO B 180 -4.97 15.82 -23.67
C PRO B 180 -4.42 17.05 -22.97
N ARG B 181 -4.96 17.32 -21.78
CA ARG B 181 -4.57 18.47 -21.00
C ARG B 181 -3.13 18.41 -20.55
N LEU B 182 -2.43 17.35 -20.94
CA LEU B 182 -1.04 17.14 -20.57
C LEU B 182 -0.06 17.43 -21.70
N GLY B 183 -0.56 17.97 -22.79
CA GLY B 183 0.28 18.28 -23.93
C GLY B 183 1.36 19.30 -23.61
N GLY B 184 1.01 20.32 -22.84
CA GLY B 184 1.98 21.35 -22.51
C GLY B 184 3.12 20.72 -21.75
N GLU B 185 2.78 19.67 -21.02
CA GLU B 185 3.73 18.94 -20.22
C GLU B 185 4.72 18.27 -21.17
N ARG B 186 4.20 17.73 -22.26
CA ARG B 186 5.04 17.08 -23.28
C ARG B 186 5.89 18.17 -23.93
N ALA B 187 5.34 19.37 -24.02
CA ALA B 187 6.05 20.50 -24.63
C ALA B 187 7.22 20.96 -23.77
N ARG B 188 7.07 20.83 -22.46
CA ARG B 188 8.12 21.25 -21.55
C ARG B 188 9.24 20.25 -21.50
N ILE B 189 8.91 18.97 -21.54
CA ILE B 189 9.97 17.98 -21.46
C ILE B 189 10.79 17.99 -22.74
N MET B 190 10.14 18.34 -23.85
CA MET B 190 10.79 18.39 -25.15
C MET B 190 11.96 19.35 -25.05
N LYS B 191 11.75 20.42 -24.29
CA LYS B 191 12.76 21.45 -24.09
C LYS B 191 13.87 21.00 -23.16
N LYS B 192 13.73 19.85 -22.53
CA LYS B 192 14.73 19.35 -21.57
C LYS B 192 15.57 18.19 -22.06
N VAL B 193 15.01 17.37 -22.94
CA VAL B 193 15.75 16.22 -23.43
C VAL B 193 16.89 16.57 -24.36
N SER B 194 18.09 16.13 -23.98
CA SER B 194 19.32 16.37 -24.72
C SER B 194 19.57 15.22 -25.71
N LEU B 195 20.47 15.45 -26.66
CA LEU B 195 20.81 14.46 -27.69
C LEU B 195 21.48 13.18 -27.21
N ASN B 196 22.07 13.24 -26.03
CA ASN B 196 22.76 12.09 -25.52
C ASN B 196 22.01 11.48 -24.34
N ASP B 197 20.71 11.73 -24.26
CA ASP B 197 19.94 11.18 -23.17
C ASP B 197 19.33 9.85 -23.58
N VAL B 198 19.11 8.98 -22.60
CA VAL B 198 18.47 7.69 -22.80
C VAL B 198 17.32 7.76 -21.83
N VAL B 199 16.11 7.76 -22.38
CA VAL B 199 14.92 7.90 -21.58
C VAL B 199 14.15 6.62 -21.38
N VAL B 200 13.63 6.47 -20.18
CA VAL B 200 12.83 5.33 -19.80
C VAL B 200 11.46 5.91 -19.44
N ASP B 201 10.51 5.73 -20.34
CA ASP B 201 9.13 6.20 -20.13
C ASP B 201 8.40 5.03 -19.43
N MET B 202 8.42 5.00 -18.10
CA MET B 202 7.78 3.90 -17.36
C MET B 202 6.30 3.63 -17.60
N PHE B 203 5.51 4.66 -17.85
CA PHE B 203 4.07 4.49 -18.12
C PHE B 203 3.86 5.33 -19.36
N ALA B 204 4.09 4.69 -20.51
CA ALA B 204 4.04 5.31 -21.84
C ALA B 204 2.73 5.67 -22.48
N GLY B 205 1.75 4.78 -22.39
CA GLY B 205 0.45 5.01 -22.98
C GLY B 205 0.55 4.79 -24.48
N VAL B 206 -0.08 5.64 -25.28
CA VAL B 206 0.03 5.49 -26.72
C VAL B 206 1.39 6.01 -27.13
N GLY B 207 2.07 6.64 -26.17
CA GLY B 207 3.41 7.18 -26.41
C GLY B 207 3.60 8.70 -26.45
N PRO B 208 2.76 9.50 -25.79
CA PRO B 208 2.95 10.95 -25.84
C PRO B 208 4.30 11.47 -25.32
N PHE B 209 4.84 10.86 -24.26
CA PHE B 209 6.11 11.33 -23.75
C PHE B 209 7.28 10.74 -24.50
N SER B 210 7.14 9.53 -24.99
CA SER B 210 8.24 8.93 -25.71
C SER B 210 8.46 9.63 -27.05
N ILE B 211 7.42 10.27 -27.58
CA ILE B 211 7.53 10.96 -28.86
C ILE B 211 8.06 12.38 -28.63
N ALA B 212 7.67 13.00 -27.53
CA ALA B 212 8.15 14.34 -27.26
C ALA B 212 9.65 14.32 -26.98
N CYS B 213 10.19 13.15 -26.67
CA CYS B 213 11.61 13.00 -26.37
C CYS B 213 12.45 12.69 -27.59
N LYS B 214 11.89 12.86 -28.78
CA LYS B 214 12.60 12.53 -30.01
C LYS B 214 14.09 12.88 -29.99
N ASN B 215 14.47 13.95 -29.31
CA ASN B 215 15.86 14.36 -29.28
C ASN B 215 16.79 13.35 -28.64
N ALA B 216 16.28 12.60 -27.67
CA ALA B 216 17.11 11.62 -26.99
C ALA B 216 17.71 10.63 -27.98
N LYS B 217 18.79 9.95 -27.59
CA LYS B 217 19.36 8.98 -28.52
C LYS B 217 18.65 7.63 -28.46
N LYS B 218 17.95 7.37 -27.36
CA LYS B 218 17.21 6.14 -27.20
C LYS B 218 16.07 6.37 -26.22
N ILE B 219 14.90 5.82 -26.54
CA ILE B 219 13.74 5.97 -25.66
C ILE B 219 13.14 4.58 -25.38
N TYR B 220 12.93 4.26 -24.12
CA TYR B 220 12.31 2.98 -23.76
C TYR B 220 10.85 3.25 -23.42
N ALA B 221 9.95 2.73 -24.24
CA ALA B 221 8.51 2.89 -24.00
C ALA B 221 8.00 1.59 -23.37
N ILE B 222 7.43 1.70 -22.19
CA ILE B 222 6.92 0.53 -21.46
C ILE B 222 5.47 0.77 -21.05
N ASP B 223 4.67 -0.29 -21.05
CA ASP B 223 3.28 -0.19 -20.67
C ASP B 223 2.74 -1.60 -20.51
N ILE B 224 1.96 -1.81 -19.47
CA ILE B 224 1.39 -3.10 -19.17
C ILE B 224 0.13 -3.38 -19.96
N ASN B 225 -0.47 -2.36 -20.54
CA ASN B 225 -1.66 -2.55 -21.34
C ASN B 225 -1.27 -2.81 -22.78
N PRO B 226 -1.66 -3.96 -23.34
CA PRO B 226 -1.32 -4.29 -24.72
C PRO B 226 -1.84 -3.30 -25.75
N HIS B 227 -3.02 -2.76 -25.50
CA HIS B 227 -3.61 -1.82 -26.41
C HIS B 227 -2.79 -0.54 -26.53
N ALA B 228 -2.13 -0.14 -25.44
CA ALA B 228 -1.30 1.05 -25.48
C ALA B 228 -0.12 0.67 -26.36
N ILE B 229 0.51 -0.44 -26.01
CA ILE B 229 1.68 -0.96 -26.72
C ILE B 229 1.45 -1.14 -28.21
N GLU B 230 0.20 -1.38 -28.58
CA GLU B 230 -0.19 -1.60 -29.96
C GLU B 230 -0.28 -0.28 -30.73
N LEU B 231 -1.00 0.68 -30.15
CA LEU B 231 -1.17 1.99 -30.76
C LEU B 231 0.17 2.73 -30.73
N LEU B 232 0.98 2.44 -29.71
CA LEU B 232 2.29 3.05 -29.55
C LEU B 232 3.22 2.60 -30.68
N LYS B 233 3.16 1.32 -31.03
CA LYS B 233 4.02 0.84 -32.11
C LYS B 233 3.67 1.54 -33.41
N LYS B 234 2.42 2.02 -33.49
CA LYS B 234 1.91 2.74 -34.65
C LYS B 234 2.35 4.20 -34.67
N ASN B 235 2.46 4.81 -33.49
CA ASN B 235 2.87 6.19 -33.42
C ASN B 235 4.37 6.29 -33.65
N ILE B 236 5.07 5.19 -33.42
CA ILE B 236 6.50 5.15 -33.66
C ILE B 236 6.72 5.19 -35.17
N LYS B 237 5.97 4.36 -35.89
CA LYS B 237 6.03 4.27 -37.36
C LYS B 237 5.62 5.60 -37.99
N LEU B 238 4.48 6.11 -37.54
CA LEU B 238 3.92 7.35 -38.05
C LEU B 238 4.88 8.52 -37.93
N ASN B 239 5.40 8.74 -36.72
CA ASN B 239 6.33 9.82 -36.47
C ASN B 239 7.79 9.53 -36.82
N LYS B 240 8.02 8.46 -37.57
CA LYS B 240 9.37 8.05 -38.00
C LYS B 240 10.37 7.95 -36.88
N LEU B 241 10.15 7.03 -35.96
CA LEU B 241 11.05 6.92 -34.84
C LEU B 241 11.28 5.49 -34.44
N GLU B 242 11.29 4.61 -35.42
CA GLU B 242 11.51 3.19 -35.17
C GLU B 242 12.95 2.94 -34.74
N HIS B 243 13.86 3.76 -35.25
CA HIS B 243 15.28 3.63 -34.92
C HIS B 243 15.61 4.32 -33.60
N LYS B 244 14.59 4.92 -32.99
CA LYS B 244 14.74 5.68 -31.75
C LYS B 244 14.00 5.07 -30.55
N ILE B 245 12.74 4.69 -30.76
CA ILE B 245 11.95 4.12 -29.68
C ILE B 245 11.88 2.61 -29.68
N ILE B 246 12.05 2.04 -28.50
CA ILE B 246 12.02 0.59 -28.29
C ILE B 246 10.82 0.24 -27.42
N PRO B 247 9.72 -0.22 -28.05
CA PRO B 247 8.51 -0.58 -27.31
C PRO B 247 8.67 -1.88 -26.49
N ILE B 248 8.05 -1.90 -25.32
CA ILE B 248 8.11 -3.04 -24.40
C ILE B 248 6.79 -3.27 -23.66
N LEU B 249 6.06 -4.32 -24.01
CA LEU B 249 4.82 -4.63 -23.31
C LEU B 249 5.21 -5.37 -22.03
N SER B 250 4.83 -4.81 -20.88
CA SER B 250 5.14 -5.43 -19.60
C SER B 250 4.73 -4.60 -18.39
N ASP B 251 4.84 -5.19 -17.22
CA ASP B 251 4.56 -4.45 -16.00
C ASP B 251 5.92 -3.74 -15.92
N VAL B 252 5.93 -2.44 -15.60
CA VAL B 252 7.21 -1.74 -15.58
C VAL B 252 8.19 -2.32 -14.59
N ARG B 253 7.68 -3.01 -13.58
CA ARG B 253 8.55 -3.59 -12.56
C ARG B 253 9.43 -4.77 -13.04
N GLU B 254 9.00 -5.44 -14.11
CA GLU B 254 9.73 -6.62 -14.64
C GLU B 254 10.89 -6.25 -15.55
N VAL B 255 10.72 -5.14 -16.28
CA VAL B 255 11.71 -4.65 -17.21
C VAL B 255 13.02 -4.31 -16.50
N ASP B 256 14.12 -4.40 -17.24
CA ASP B 256 15.39 -4.01 -16.68
C ASP B 256 16.14 -3.20 -17.71
N VAL B 257 15.97 -1.88 -17.62
CA VAL B 257 16.65 -0.95 -18.51
C VAL B 257 17.37 0.08 -17.64
N LYS B 258 18.12 0.97 -18.29
CA LYS B 258 18.86 1.99 -17.59
C LYS B 258 18.72 3.26 -18.43
N GLY B 259 19.03 4.41 -17.87
CA GLY B 259 18.91 5.65 -18.61
C GLY B 259 19.09 6.83 -17.66
N ASN B 260 19.30 8.02 -18.21
CA ASN B 260 19.48 9.18 -17.34
C ASN B 260 18.30 10.14 -17.31
N ARG B 261 17.14 9.62 -17.64
CA ARG B 261 15.93 10.40 -17.61
C ARG B 261 14.81 9.39 -17.56
N VAL B 262 14.16 9.32 -16.41
CA VAL B 262 13.05 8.39 -16.21
C VAL B 262 11.80 9.26 -16.02
N ILE B 263 10.81 9.06 -16.89
CA ILE B 263 9.56 9.83 -16.82
C ILE B 263 8.50 8.96 -16.17
N MET B 264 7.77 9.52 -15.21
CA MET B 264 6.74 8.77 -14.53
C MET B 264 5.34 9.31 -14.73
N ASN B 265 4.76 9.05 -15.88
CA ASN B 265 3.40 9.52 -16.16
C ASN B 265 2.30 8.65 -15.55
N LEU B 266 2.16 8.67 -14.22
CA LEU B 266 1.12 7.89 -13.54
C LEU B 266 0.77 8.59 -12.23
N PRO B 267 0.20 9.80 -12.31
CA PRO B 267 -0.21 10.67 -11.18
C PRO B 267 -0.71 10.03 -9.89
N LYS B 268 -1.71 9.17 -9.98
CA LYS B 268 -2.26 8.55 -8.80
C LYS B 268 -1.39 7.47 -8.12
N PHE B 269 -0.49 6.81 -8.85
CA PHE B 269 0.33 5.76 -8.25
C PHE B 269 1.85 5.89 -8.37
N ALA B 270 2.29 6.97 -9.00
CA ALA B 270 3.71 7.18 -9.19
C ALA B 270 4.49 6.75 -7.96
N HIS B 271 3.96 7.07 -6.77
CA HIS B 271 4.63 6.75 -5.51
C HIS B 271 4.96 5.27 -5.28
N LYS B 272 4.11 4.38 -5.78
CA LYS B 272 4.39 2.96 -5.59
C LYS B 272 5.53 2.43 -6.47
N PHE B 273 6.02 3.21 -7.43
CA PHE B 273 7.06 2.70 -8.30
C PHE B 273 8.42 3.40 -8.21
N ILE B 274 8.54 4.31 -7.26
CA ILE B 274 9.76 5.07 -7.07
C ILE B 274 11.03 4.26 -6.92
N ASP B 275 10.98 3.20 -6.11
CA ASP B 275 12.17 2.38 -5.90
C ASP B 275 12.62 1.78 -7.21
N LYS B 276 11.64 1.46 -8.05
CA LYS B 276 11.94 0.91 -9.36
C LYS B 276 12.64 1.98 -10.17
N ALA B 277 12.03 3.16 -10.24
CA ALA B 277 12.59 4.27 -11.00
C ALA B 277 14.03 4.56 -10.59
N LEU B 278 14.28 4.60 -9.28
CA LEU B 278 15.62 4.87 -8.75
C LEU B 278 16.58 3.75 -9.09
N ASP B 279 16.01 2.67 -9.61
CA ASP B 279 16.78 1.51 -10.00
C ASP B 279 17.19 1.71 -11.45
N ILE B 280 16.21 2.10 -12.26
CA ILE B 280 16.38 2.35 -13.69
C ILE B 280 17.39 3.45 -13.99
N VAL B 281 17.25 4.57 -13.28
CA VAL B 281 18.14 5.70 -13.51
C VAL B 281 19.55 5.47 -12.99
N GLU B 282 20.51 6.19 -13.57
CA GLU B 282 21.91 6.10 -13.16
C GLU B 282 22.25 7.35 -12.38
N GLU B 283 23.42 7.35 -11.74
CA GLU B 283 23.81 8.50 -10.96
C GLU B 283 23.99 9.71 -11.86
N GLY B 284 23.27 10.78 -11.55
CA GLY B 284 23.36 12.00 -12.34
C GLY B 284 22.06 12.24 -13.08
N GLY B 285 21.36 11.15 -13.39
CA GLY B 285 20.11 11.23 -14.10
C GLY B 285 19.03 12.01 -13.39
N VAL B 286 17.91 12.19 -14.08
CA VAL B 286 16.78 12.93 -13.55
C VAL B 286 15.49 12.12 -13.65
N ILE B 287 14.65 12.19 -12.62
CA ILE B 287 13.38 11.50 -12.65
C ILE B 287 12.29 12.53 -12.81
N HIS B 288 11.52 12.40 -13.88
CA HIS B 288 10.41 13.31 -14.13
C HIS B 288 9.18 12.73 -13.46
N TYR B 289 9.06 13.03 -12.18
CA TYR B 289 7.98 12.57 -11.31
C TYR B 289 6.66 13.41 -11.38
N TYR B 290 5.53 12.71 -11.37
CA TYR B 290 4.20 13.32 -11.42
C TYR B 290 3.34 12.61 -10.36
N THR B 291 2.92 13.35 -9.34
CA THR B 291 2.14 12.77 -8.25
C THR B 291 0.86 13.56 -8.04
N ILE B 292 0.24 13.35 -6.88
CA ILE B 292 -0.98 14.05 -6.49
C ILE B 292 -0.87 14.46 -5.03
N GLY B 293 -1.16 15.72 -4.74
CA GLY B 293 -1.08 16.18 -3.36
C GLY B 293 -1.58 17.59 -3.19
N LYS B 294 -1.83 17.96 -1.94
CA LYS B 294 -2.30 19.30 -1.64
C LYS B 294 -1.09 20.22 -1.85
N ASP B 295 0.09 19.62 -1.87
CA ASP B 295 1.32 20.38 -2.07
C ASP B 295 2.52 19.47 -2.39
N PHE B 296 3.71 20.06 -2.45
CA PHE B 296 4.93 19.31 -2.78
C PHE B 296 5.58 18.57 -1.62
N ASP B 297 5.07 18.75 -0.39
CA ASP B 297 5.66 18.12 0.78
C ASP B 297 5.74 16.62 0.77
N LYS B 298 4.59 15.97 0.54
CA LYS B 298 4.53 14.51 0.48
C LYS B 298 5.59 13.98 -0.49
N ALA B 299 5.48 14.40 -1.75
CA ALA B 299 6.40 13.98 -2.81
C ALA B 299 7.88 14.11 -2.49
N ILE B 300 8.32 15.31 -2.11
CA ILE B 300 9.72 15.55 -1.77
C ILE B 300 10.23 14.68 -0.60
N LYS B 301 9.34 14.35 0.31
CA LYS B 301 9.71 13.54 1.46
C LYS B 301 10.23 12.15 1.04
N LEU B 302 9.39 11.39 0.32
CA LEU B 302 9.75 10.04 -0.14
C LEU B 302 11.07 9.96 -0.89
N PHE B 303 11.26 10.84 -1.86
CA PHE B 303 12.48 10.83 -2.64
C PHE B 303 13.74 11.06 -1.82
N GLU B 304 13.62 11.87 -0.78
CA GLU B 304 14.78 12.18 0.03
C GLU B 304 15.17 11.06 1.00
N LYS B 305 14.21 10.35 1.56
CA LYS B 305 14.58 9.29 2.49
C LYS B 305 15.09 8.09 1.71
N LYS B 306 14.97 8.15 0.39
CA LYS B 306 15.38 7.06 -0.49
C LYS B 306 16.68 7.30 -1.25
N CYS B 307 17.13 8.56 -1.29
CA CYS B 307 18.34 8.92 -2.04
C CYS B 307 18.71 10.37 -1.84
N ASP B 308 19.97 10.70 -2.12
CA ASP B 308 20.44 12.08 -2.02
C ASP B 308 20.10 12.69 -3.36
N CYS B 309 19.00 13.45 -3.40
CA CYS B 309 18.53 14.07 -4.63
C CYS B 309 18.45 15.59 -4.61
N GLU B 310 18.02 16.14 -5.73
CA GLU B 310 17.90 17.58 -5.91
C GLU B 310 16.63 17.95 -6.69
N VAL B 311 15.84 18.87 -6.16
CA VAL B 311 14.61 19.32 -6.82
C VAL B 311 14.88 20.39 -7.87
N LEU B 312 15.45 19.98 -9.00
CA LEU B 312 15.74 20.92 -10.07
C LEU B 312 14.55 21.83 -10.34
N GLU B 313 13.36 21.25 -10.27
CA GLU B 313 12.17 22.02 -10.56
C GLU B 313 10.92 21.39 -9.98
N LYS B 314 10.11 22.20 -9.31
CA LYS B 314 8.85 21.70 -8.78
C LYS B 314 7.77 22.58 -9.40
N ARG B 315 6.60 22.02 -9.66
CA ARG B 315 5.58 22.80 -10.33
C ARG B 315 4.16 22.21 -10.30
N ILE B 316 3.15 23.08 -10.37
CA ILE B 316 1.76 22.62 -10.40
C ILE B 316 1.38 22.45 -11.86
N VAL B 317 0.57 21.45 -12.15
CA VAL B 317 0.17 21.16 -13.52
C VAL B 317 -1.28 21.46 -13.83
N LYS B 318 -2.17 21.05 -12.93
CA LYS B 318 -3.57 21.24 -13.18
C LYS B 318 -4.32 20.98 -11.88
N SER B 319 -5.62 21.27 -11.89
CA SER B 319 -6.45 21.03 -10.73
C SER B 319 -7.40 19.90 -11.11
N TYR B 320 -7.43 18.85 -10.29
CA TYR B 320 -8.32 17.74 -10.57
C TYR B 320 -9.34 17.65 -9.45
N ALA B 321 -9.31 18.66 -8.59
CA ALA B 321 -10.21 18.75 -7.45
C ALA B 321 -9.70 19.86 -6.56
N PRO B 322 -10.60 20.63 -5.93
CA PRO B 322 -10.19 21.72 -5.05
C PRO B 322 -9.32 21.19 -3.90
N ARG B 323 -8.22 21.91 -3.62
CA ARG B 323 -7.27 21.53 -2.57
C ARG B 323 -6.28 20.50 -3.09
N GLU B 324 -6.60 19.92 -4.24
CA GLU B 324 -5.76 18.86 -4.80
C GLU B 324 -5.44 19.00 -6.29
N TYR B 325 -4.15 19.10 -6.60
CA TYR B 325 -3.66 19.25 -7.97
C TYR B 325 -2.84 18.09 -8.46
N ILE B 326 -2.38 18.21 -9.70
CA ILE B 326 -1.52 17.23 -10.32
C ILE B 326 -0.16 17.91 -10.28
N LEU B 327 0.72 17.42 -9.43
CA LEU B 327 2.03 18.01 -9.27
C LEU B 327 3.12 17.38 -10.15
N ALA B 328 4.21 18.12 -10.34
CA ALA B 328 5.33 17.65 -11.14
C ALA B 328 6.65 18.15 -10.54
N LEU B 329 7.57 17.22 -10.30
CA LEU B 329 8.87 17.55 -9.74
C LEU B 329 9.95 16.86 -10.53
N ASP B 330 10.99 17.58 -10.91
CA ASP B 330 12.08 16.97 -11.64
C ASP B 330 13.07 16.67 -10.52
N PHE B 331 13.61 15.46 -10.53
CA PHE B 331 14.55 15.05 -9.49
C PHE B 331 15.95 14.64 -9.93
N LYS B 332 16.94 15.35 -9.42
CA LYS B 332 18.35 15.07 -9.73
C LYS B 332 18.88 14.05 -8.72
N ILE B 333 19.13 12.83 -9.19
CA ILE B 333 19.63 11.73 -8.37
C ILE B 333 21.15 11.77 -8.35
N ASN B 334 21.73 12.07 -7.18
CA ASN B 334 23.16 12.20 -7.04
C ASN B 334 23.94 10.95 -6.63
N LYS B 335 23.48 10.30 -5.59
CA LYS B 335 24.08 9.05 -5.13
C LYS B 335 22.84 8.30 -4.73
N LYS B 336 22.80 7.01 -5.03
CA LYS B 336 21.62 6.24 -4.65
C LYS B 336 21.77 5.72 -3.23
ZN ZN C . -0.19 4.05 -2.45
ZN ZN D . 8.29 2.02 30.28
ZN ZN E . -7.60 -41.27 9.26
O5' ADN F . 9.42 -10.53 20.45
C5' ADN F . 9.66 -9.13 20.64
C4' ADN F . 10.77 -8.95 21.70
O4' ADN F . 11.99 -9.53 21.22
C3' ADN F . 11.05 -7.46 21.87
O3' ADN F . 10.88 -7.07 23.24
C2' ADN F . 12.52 -7.34 21.49
O2' ADN F . 13.18 -6.31 22.24
C1' ADN F . 13.03 -8.74 21.82
N9 ADN F . 14.36 -8.99 21.22
C8 ADN F . 14.69 -8.87 19.94
N7 ADN F . 15.97 -9.20 19.76
C5 ADN F . 16.46 -9.53 20.95
C6 ADN F . 17.71 -9.96 21.39
N6 ADN F . 18.72 -10.12 20.53
N1 ADN F . 17.88 -10.22 22.69
C2 ADN F . 16.89 -10.08 23.55
N3 ADN F . 15.69 -9.68 23.17
C4 ADN F . 15.45 -9.41 21.87
ZN ZN G . -6.29 -2.25 -29.58
ZN ZN H . 18.17 1.66 -35.54
O5' ADN I . -1.31 6.04 -16.86
C5' ADN I . -1.96 4.85 -17.33
C4' ADN I . -1.07 4.17 -18.39
O4' ADN I . 0.10 3.59 -17.77
C3' ADN I . -1.84 3.01 -19.03
O3' ADN I . -1.35 2.73 -20.34
C2' ADN I . -1.48 1.89 -18.05
O2' ADN I . -1.77 0.59 -18.59
C1' ADN I . 0.01 2.16 -17.86
N9 ADN I . 0.53 1.46 -16.67
C8 ADN I . 0.00 1.50 -15.45
N7 ADN I . 0.68 0.73 -14.62
C5 ADN I . 1.68 0.18 -15.32
C6 ADN I . 2.71 -0.69 -14.99
N6 ADN I . 2.82 -1.20 -13.77
N1 ADN I . 3.60 -1.02 -15.95
C2 ADN I . 3.48 -0.55 -17.18
N3 ADN I . 2.50 0.27 -17.52
C4 ADN I . 1.58 0.66 -16.62
#